data_3ZS0
#
_entry.id   3ZS0
#
_cell.length_a   93.905
_cell.length_b   64.111
_cell.length_c   111.452
_cell.angle_alpha   90.00
_cell.angle_beta   97.12
_cell.angle_gamma   90.00
#
_symmetry.space_group_name_H-M   'P 1 21 1'
#
loop_
_entity.id
_entity.type
_entity.pdbx_description
1 polymer 'MYELOPEROXIDASE LIGHT CHAIN'
2 polymer 'MYELOPEROXIDASE HEAVY CHAIN'
3 branched alpha-D-mannopyranose-(1-3)-[alpha-D-mannopyranose-(1-6)]beta-D-mannopyranose-(1-4)-2-acetamido-2-deoxy-beta-D-glucopyranose-(1-4)-[alpha-L-fucopyranose-(1-6)]2-acetamido-2-deoxy-beta-D-glucopyranose
4 branched alpha-D-mannopyranose-(1-6)-beta-D-mannopyranose-(1-4)-2-acetamido-2-deoxy-beta-D-glucopyranose-(1-4)-[alpha-L-fucopyranose-(1-6)]2-acetamido-2-deoxy-beta-D-glucopyranose
5 non-polymer 'SULFATE ION'
6 non-polymer 3-(4-FLUOROBENZYL)-2-THIOXO-1,2,3,7-TETRAHYDRO-6H-PURIN-6-ONE
7 non-polymer 'PROTOPORPHYRIN IX CONTAINING FE'
8 non-polymer 2-acetamido-2-deoxy-beta-D-glucopyranose
9 non-polymer 'CALCIUM ION'
10 non-polymer 'CHLORIDE ION'
11 non-polymer 'ACETATE ION'
12 water water
#
loop_
_entity_poly.entity_id
_entity_poly.type
_entity_poly.pdbx_seq_one_letter_code
_entity_poly.pdbx_strand_id
1 'polypeptide(L)'
;VTCPEQDKYRTITGMCNNRRSPTLGASNRAFVRWLPAEYEDGFSLPYGWTPGVKRNGFPVALARAVSNEIVRFPTDQLTP
DQERSLMFMQWGQLLDHDLDFTPEPAAR
;
A,B
2 'polypeptide(L)'
;VNCETSCVQQPPCFPLKIPPNDPRIKNQADCIPFFRS(CSO)PACPGSNITIRNQINALTSFVDASMVYGSEEPLARNLR
NMSNQLGLLAVNQRFQDNGRALLPFDNLHDDPCLLTNRSARIPCFLAGDTRSSEMPELTSMHTLLLREHNRLATELKSLN
PRWDGERLYQEARKIVGAMVQIITYRDYLPLVLGPTAMRKYLPTYRSYNDSVDPRIANVFTNAFRYGHTLIQPFMFRLDN
RYQPMEPNPRVPLSRVFFASWRVVLEGGIDPILRGLMATPAKLNRQNQIAVDEIRERLFEQVMRIGLDLPALNMQRSRDH
GLPGYNAWRRFCGLPQPETVGQLGTVLRNLKLARKLMEQYGTPNNIDIWMGGVSEPLKRKGRVGPLLACIIGTQFRKLRD
GDRFWWENEGVFSMQQRQALAQISLPRIICDNTGITTVSKNNIFMSNSYPRDFVNCSTLPALNLASWREAS
;
C,D
#
# COMPACT_ATOMS: atom_id res chain seq x y z
N CYS A 3 0.14 6.59 22.85
CA CYS A 3 1.56 7.06 22.90
C CYS A 3 1.78 8.17 23.93
N PRO A 4 2.67 7.95 24.93
CA PRO A 4 2.97 8.94 25.95
C PRO A 4 2.75 10.36 25.41
N GLU A 5 1.66 10.99 25.85
CA GLU A 5 1.23 12.32 25.40
C GLU A 5 2.37 13.33 25.21
N GLN A 6 3.41 13.16 26.00
CA GLN A 6 4.63 13.96 25.95
C GLN A 6 5.87 13.07 25.95
N ASP A 7 6.82 13.40 25.07
CA ASP A 7 8.08 12.67 24.95
C ASP A 7 9.16 13.60 24.42
N LYS A 8 10.34 13.52 25.01
CA LYS A 8 11.45 14.39 24.65
C LYS A 8 12.48 13.67 23.78
N TYR A 9 12.41 12.34 23.78
CA TYR A 9 13.34 11.51 23.00
C TYR A 9 12.63 10.45 22.16
N ARG A 10 13.28 10.08 21.06
CA ARG A 10 12.81 9.02 20.19
C ARG A 10 12.83 7.71 20.96
N THR A 11 11.90 6.82 20.61
CA THR A 11 11.96 5.46 21.12
C THR A 11 13.06 4.76 20.31
N ILE A 12 13.52 3.61 20.78
CA ILE A 12 14.54 2.83 20.06
C ILE A 12 13.97 2.20 18.78
N THR A 13 12.75 1.67 18.86
CA THR A 13 12.11 1.01 17.72
C THR A 13 11.56 1.94 16.65
N GLY A 14 11.28 3.19 17.01
CA GLY A 14 10.70 4.16 16.08
C GLY A 14 9.21 4.33 16.33
N MET A 15 8.63 3.41 17.09
CA MET A 15 7.23 3.44 17.48
C MET A 15 6.90 4.81 18.07
N CYS A 16 5.69 5.32 17.79
CA CYS A 16 5.18 6.59 18.34
C CYS A 16 5.71 7.88 17.73
N ASN A 17 6.65 7.79 16.77
CA ASN A 17 7.12 8.99 16.06
C ASN A 17 5.88 9.66 15.45
N ASN A 18 5.10 8.87 14.71
CA ASN A 18 3.84 9.33 14.14
C ASN A 18 2.72 8.95 15.12
N ARG A 19 2.08 9.94 15.73
CA ARG A 19 1.01 9.69 16.71
C ARG A 19 -0.21 8.93 16.18
N ARG A 20 -0.75 9.36 15.03
CA ARG A 20 -1.95 8.70 14.45
C ARG A 20 -1.76 7.27 13.97
N SER A 21 -0.55 6.94 13.52
CA SER A 21 -0.27 5.61 12.99
C SER A 21 1.14 5.27 13.49
N PRO A 22 1.24 4.87 14.77
CA PRO A 22 2.53 4.70 15.47
C PRO A 22 3.55 3.64 15.00
N THR A 23 3.22 2.77 14.04
CA THR A 23 4.27 1.86 13.53
C THR A 23 5.01 2.41 12.31
N LEU A 24 4.56 3.54 11.75
CA LEU A 24 5.22 4.12 10.57
C LEU A 24 6.66 4.54 10.87
N GLY A 25 7.61 3.93 10.15
CA GLY A 25 9.02 4.20 10.36
C GLY A 25 9.61 3.32 11.45
N ALA A 26 8.74 2.61 12.19
CA ALA A 26 9.19 1.68 13.23
C ALA A 26 9.81 0.43 12.58
N SER A 27 10.68 -0.24 13.34
CA SER A 27 11.40 -1.43 12.90
C SER A 27 10.55 -2.72 12.90
N ASN A 28 10.98 -3.69 12.11
CA ASN A 28 10.30 -4.98 11.96
C ASN A 28 8.86 -4.87 11.47
N ARG A 29 8.72 -4.03 10.44
CA ARG A 29 7.45 -3.77 9.76
C ARG A 29 7.71 -3.86 8.27
N ALA A 30 6.66 -4.14 7.51
CA ALA A 30 6.77 -4.26 6.03
C ALA A 30 7.14 -2.94 5.38
N PHE A 31 7.90 -3.00 4.29
CA PHE A 31 8.19 -1.80 3.49
C PHE A 31 6.87 -1.31 2.87
N VAL A 32 6.77 -0.02 2.60
CA VAL A 32 5.63 0.50 1.85
C VAL A 32 5.96 0.23 0.38
N ARG A 33 4.94 -0.01 -0.43
CA ARG A 33 5.08 -0.22 -1.89
C ARG A 33 4.64 1.05 -2.61
N TRP A 34 5.48 1.58 -3.50
CA TRP A 34 5.08 2.76 -4.30
C TRP A 34 4.37 2.32 -5.56
N LEU A 35 4.62 1.08 -5.96
CA LEU A 35 3.97 0.46 -7.11
C LEU A 35 3.64 -0.97 -6.71
N PRO A 36 2.55 -1.54 -7.29
CA PRO A 36 2.20 -2.93 -6.97
C PRO A 36 3.28 -3.92 -7.41
N ALA A 37 3.54 -4.94 -6.59
CA ALA A 37 4.53 -5.97 -6.93
C ALA A 37 4.19 -6.71 -8.19
N GLU A 38 5.23 -7.16 -8.89
CA GLU A 38 5.16 -7.94 -10.12
C GLU A 38 5.88 -9.28 -9.92
N TYR A 39 5.08 -10.32 -9.73
CA TYR A 39 5.55 -11.67 -9.53
C TYR A 39 5.03 -12.56 -10.65
N GLU A 40 5.80 -13.61 -10.96
CA GLU A 40 5.49 -14.64 -11.97
C GLU A 40 4.08 -15.22 -11.85
N ASP A 41 3.65 -15.53 -10.61
CA ASP A 41 2.31 -16.07 -10.31
C ASP A 41 1.37 -14.99 -9.77
N GLY A 42 1.81 -13.75 -9.85
CA GLY A 42 1.03 -12.63 -9.37
C GLY A 42 1.10 -12.31 -7.89
N PHE A 43 1.58 -13.24 -7.06
CA PHE A 43 1.61 -12.99 -5.61
C PHE A 43 2.84 -13.41 -4.80
N SER A 44 3.75 -14.23 -5.34
CA SER A 44 4.89 -14.71 -4.53
C SER A 44 6.18 -15.15 -5.25
N LEU A 45 6.04 -15.87 -6.37
CA LEU A 45 7.20 -16.40 -7.10
C LEU A 45 7.85 -15.32 -7.95
N PRO A 46 9.20 -15.23 -7.89
CA PRO A 46 9.92 -14.21 -8.64
C PRO A 46 10.16 -14.58 -10.12
N TYR A 47 10.25 -13.58 -10.97
CA TYR A 47 10.58 -13.84 -12.36
C TYR A 47 11.98 -14.48 -12.47
N GLY A 48 12.04 -15.56 -13.25
CA GLY A 48 13.26 -16.33 -13.40
C GLY A 48 13.14 -17.66 -12.66
N TRP A 49 12.09 -17.78 -11.84
CA TRP A 49 11.85 -18.99 -11.04
C TRP A 49 11.54 -20.23 -11.88
N THR A 50 10.48 -20.17 -12.69
CA THR A 50 9.99 -21.31 -13.48
C THR A 50 10.56 -21.33 -14.90
N PRO A 51 11.18 -22.46 -15.30
CA PRO A 51 11.74 -22.59 -16.64
C PRO A 51 10.69 -22.37 -17.74
N GLY A 52 11.01 -21.49 -18.69
CA GLY A 52 10.12 -21.21 -19.84
C GLY A 52 9.05 -20.15 -19.62
N VAL A 53 8.96 -19.58 -18.42
CA VAL A 53 7.98 -18.54 -18.18
C VAL A 53 8.57 -17.18 -18.51
N LYS A 54 7.96 -16.52 -19.49
CA LYS A 54 8.41 -15.21 -19.93
C LYS A 54 7.89 -14.09 -19.04
N ARG A 55 8.45 -12.91 -19.25
CA ARG A 55 8.02 -11.75 -18.50
C ARG A 55 7.55 -10.76 -19.53
N ASN A 56 6.24 -10.55 -19.60
CA ASN A 56 5.70 -9.55 -20.51
C ASN A 56 6.19 -9.79 -21.97
N GLY A 57 6.17 -11.05 -22.41
CA GLY A 57 6.55 -11.40 -23.78
C GLY A 57 8.00 -11.72 -24.10
N PHE A 58 8.91 -11.52 -23.12
CA PHE A 58 10.33 -11.75 -23.37
C PHE A 58 11.00 -12.65 -22.35
N PRO A 59 12.09 -13.34 -22.75
CA PRO A 59 12.75 -14.21 -21.77
C PRO A 59 13.36 -13.39 -20.63
N VAL A 60 13.30 -13.94 -19.42
CA VAL A 60 13.88 -13.31 -18.24
C VAL A 60 15.39 -13.37 -18.38
N ALA A 61 16.05 -12.22 -18.41
CA ALA A 61 17.52 -12.21 -18.57
C ALA A 61 18.23 -12.62 -17.29
N LEU A 62 19.15 -13.60 -17.38
CA LEU A 62 19.96 -13.99 -16.22
C LEU A 62 20.71 -12.78 -15.69
N ALA A 63 20.54 -12.54 -14.39
CA ALA A 63 21.20 -11.43 -13.69
C ALA A 63 22.72 -11.48 -13.94
N ARG A 64 23.31 -12.68 -13.88
CA ARG A 64 24.75 -12.83 -14.13
C ARG A 64 25.13 -12.52 -15.58
N ALA A 65 24.22 -12.78 -16.52
CA ALA A 65 24.50 -12.53 -17.93
C ALA A 65 24.53 -11.01 -18.21
N VAL A 66 23.64 -10.27 -17.56
CA VAL A 66 23.54 -8.81 -17.67
C VAL A 66 24.83 -8.21 -17.06
N SER A 67 25.24 -8.72 -15.90
CA SER A 67 26.47 -8.28 -15.25
C SER A 67 27.68 -8.51 -16.17
N ASN A 68 27.75 -9.70 -16.77
CA ASN A 68 28.85 -10.05 -17.70
C ASN A 68 28.93 -9.18 -18.95
N GLU A 69 27.78 -8.90 -19.56
CA GLU A 69 27.73 -8.19 -20.82
C GLU A 69 27.70 -6.68 -20.75
N ILE A 70 27.14 -6.16 -19.66
CA ILE A 70 26.99 -4.72 -19.50
C ILE A 70 27.86 -4.10 -18.41
N VAL A 71 28.01 -4.80 -17.29
CA VAL A 71 28.70 -4.23 -16.12
C VAL A 71 30.22 -4.43 -16.15
N ARG A 72 30.66 -5.62 -16.53
CA ARG A 72 32.07 -5.97 -16.61
C ARG A 72 32.89 -4.95 -17.45
N PHE A 73 34.08 -4.58 -16.95
CA PHE A 73 35.00 -3.68 -17.67
C PHE A 73 36.44 -3.90 -17.18
N PRO A 74 37.45 -3.58 -18.02
CA PRO A 74 38.87 -3.79 -17.64
C PRO A 74 39.31 -2.81 -16.55
N THR A 75 39.73 -3.36 -15.42
CA THR A 75 40.11 -2.57 -14.27
C THR A 75 41.13 -1.44 -14.50
N ASP A 76 42.05 -1.61 -15.45
CA ASP A 76 43.06 -0.57 -15.73
C ASP A 76 42.48 0.68 -16.38
N GLN A 77 41.22 0.61 -16.80
CA GLN A 77 40.52 1.75 -17.43
C GLN A 77 39.78 2.59 -16.39
N LEU A 78 39.75 2.12 -15.15
CA LEU A 78 39.03 2.80 -14.07
C LEU A 78 39.30 4.30 -14.11
N THR A 79 38.24 5.09 -13.98
CA THR A 79 38.36 6.53 -13.97
C THR A 79 38.14 7.09 -12.57
N PRO A 80 39.19 7.69 -11.98
CA PRO A 80 39.04 8.33 -10.68
C PRO A 80 38.17 9.58 -10.83
N ASP A 81 37.28 9.78 -9.86
CA ASP A 81 36.40 10.94 -9.88
C ASP A 81 37.20 12.12 -9.33
N GLN A 82 37.48 13.11 -10.18
CA GLN A 82 38.26 14.29 -9.77
C GLN A 82 37.55 15.19 -8.76
N GLU A 83 36.24 14.99 -8.58
CA GLU A 83 35.42 15.82 -7.72
C GLU A 83 34.71 15.09 -6.56
N ARG A 84 35.13 13.87 -6.24
CA ARG A 84 34.51 13.13 -5.12
C ARG A 84 35.56 12.30 -4.44
N SER A 85 35.51 12.25 -3.12
CA SER A 85 36.43 11.41 -2.39
C SER A 85 35.77 10.04 -2.16
N LEU A 86 36.58 9.09 -1.74
CA LEU A 86 36.08 7.77 -1.43
C LEU A 86 35.23 7.85 -0.14
N MET A 87 35.37 8.95 0.59
CA MET A 87 34.56 9.20 1.78
C MET A 87 33.08 9.38 1.38
N PHE A 88 32.86 9.89 0.16
CA PHE A 88 31.52 10.09 -0.43
C PHE A 88 30.85 8.73 -0.60
N MET A 89 31.63 7.75 -1.03
CA MET A 89 31.15 6.37 -1.18
C MET A 89 30.84 5.79 0.20
N GLN A 90 31.76 6.01 1.13
CA GLN A 90 31.60 5.41 2.47
C GLN A 90 30.41 5.96 3.26
N TRP A 91 30.15 7.25 3.15
CA TRP A 91 29.03 7.85 3.86
C TRP A 91 27.69 7.25 3.40
N GLY A 92 27.57 6.99 2.10
CA GLY A 92 26.37 6.40 1.53
C GLY A 92 26.06 5.03 2.07
N GLN A 93 27.08 4.20 2.27
CA GLN A 93 26.85 2.87 2.84
C GLN A 93 26.44 2.99 4.31
N LEU A 94 27.16 3.83 5.05
CA LEU A 94 26.87 4.07 6.45
C LEU A 94 25.43 4.57 6.62
N LEU A 95 25.02 5.53 5.79
CA LEU A 95 23.66 6.08 5.82
C LEU A 95 22.62 5.00 5.46
N ASP A 96 22.92 4.22 4.44
CA ASP A 96 22.06 3.13 4.03
C ASP A 96 21.81 2.23 5.25
N HIS A 97 22.82 2.07 6.10
CA HIS A 97 22.69 1.22 7.28
C HIS A 97 21.90 1.84 8.44
N ASP A 98 21.54 3.11 8.30
CA ASP A 98 20.69 3.77 9.26
C ASP A 98 19.24 3.60 8.77
N LEU A 99 19.06 3.30 7.49
CA LEU A 99 17.72 3.29 6.87
C LEU A 99 17.08 1.93 6.63
N ASP A 100 17.84 0.99 6.06
CA ASP A 100 17.25 -0.31 5.75
C ASP A 100 18.17 -1.53 5.86
N PHE A 101 17.56 -2.61 6.32
CA PHE A 101 18.15 -3.94 6.39
C PHE A 101 17.02 -4.91 6.17
N THR A 102 17.12 -5.69 5.10
CA THR A 102 16.10 -6.64 4.70
C THR A 102 16.51 -8.04 5.17
N PRO A 103 15.89 -8.54 6.24
CA PRO A 103 16.29 -9.85 6.76
C PRO A 103 16.06 -11.03 5.82
N GLU A 104 16.94 -12.00 5.95
CA GLU A 104 16.95 -13.28 5.23
C GLU A 104 17.10 -14.38 6.28
N PRO A 105 16.66 -15.61 5.97
CA PRO A 105 16.85 -16.69 6.94
C PRO A 105 18.32 -17.05 6.99
N ALA A 106 18.79 -17.52 8.14
CA ALA A 106 20.21 -17.91 8.34
C ALA A 106 20.59 -19.20 7.62
N CYS B 3 -0.37 -16.02 -17.10
CA CYS B 3 -1.48 -15.50 -17.95
C CYS B 3 -1.27 -15.79 -19.44
N PRO B 4 -2.31 -16.28 -20.13
CA PRO B 4 -2.23 -16.55 -21.58
C PRO B 4 -1.99 -15.25 -22.38
N GLU B 5 -1.48 -15.36 -23.61
CA GLU B 5 -1.24 -14.21 -24.48
C GLU B 5 -2.56 -13.59 -24.95
N GLN B 6 -3.54 -14.45 -25.16
CA GLN B 6 -4.86 -14.04 -25.63
C GLN B 6 -5.96 -14.68 -24.82
N ASP B 7 -7.08 -13.97 -24.80
CA ASP B 7 -8.33 -14.32 -24.16
C ASP B 7 -9.33 -13.33 -24.72
N LYS B 8 -10.63 -13.63 -24.66
CA LYS B 8 -11.61 -12.73 -25.22
C LYS B 8 -12.59 -12.45 -24.12
N TYR B 9 -12.54 -13.31 -23.08
CA TYR B 9 -13.43 -13.21 -21.93
C TYR B 9 -12.69 -13.06 -20.61
N ARG B 10 -13.38 -12.50 -19.63
CA ARG B 10 -12.81 -12.35 -18.31
C ARG B 10 -12.80 -13.71 -17.63
N THR B 11 -11.83 -13.89 -16.76
CA THR B 11 -11.80 -15.03 -15.89
C THR B 11 -12.82 -14.69 -14.80
N ILE B 12 -13.36 -15.72 -14.16
CA ILE B 12 -14.31 -15.58 -13.05
C ILE B 12 -13.76 -14.87 -11.79
N THR B 13 -12.50 -15.15 -11.42
CA THR B 13 -11.87 -14.57 -10.24
C THR B 13 -11.34 -13.16 -10.47
N GLY B 14 -11.17 -12.78 -11.72
CA GLY B 14 -10.62 -11.46 -12.05
C GLY B 14 -9.12 -11.53 -12.29
N MET B 15 -8.52 -12.67 -11.95
CA MET B 15 -7.09 -12.94 -12.16
C MET B 15 -6.73 -12.66 -13.63
N CYS B 16 -5.51 -12.17 -13.86
CA CYS B 16 -5.00 -11.89 -15.21
C CYS B 16 -5.53 -10.66 -15.98
N ASN B 17 -6.48 -9.91 -15.40
CA ASN B 17 -6.96 -8.67 -16.02
C ASN B 17 -5.73 -7.72 -16.20
N ASN B 18 -4.99 -7.47 -15.13
CA ASN B 18 -3.74 -6.71 -15.23
C ASN B 18 -2.61 -7.73 -15.43
N ARG B 19 -1.97 -7.69 -16.60
CA ARG B 19 -0.90 -8.64 -16.95
C ARG B 19 0.42 -8.50 -16.16
N ARG B 20 0.81 -7.27 -15.84
CA ARG B 20 2.01 -7.05 -15.03
C ARG B 20 1.81 -7.46 -13.56
N SER B 21 0.61 -7.30 -13.03
CA SER B 21 0.31 -7.66 -11.64
C SER B 21 -1.06 -8.36 -11.64
N PRO B 22 -1.08 -9.66 -12.02
CA PRO B 22 -2.34 -10.39 -12.27
C PRO B 22 -3.38 -10.64 -11.16
N THR B 23 -3.10 -10.29 -9.90
CA THR B 23 -4.13 -10.45 -8.85
C THR B 23 -4.91 -9.14 -8.58
N LEU B 24 -4.49 -8.04 -9.20
CA LEU B 24 -5.16 -6.75 -8.97
C LEU B 24 -6.59 -6.77 -9.48
N GLY B 25 -7.52 -6.62 -8.55
CA GLY B 25 -8.93 -6.65 -8.89
C GLY B 25 -9.51 -8.04 -8.77
N ALA B 26 -8.63 -9.01 -8.56
CA ALA B 26 -9.04 -10.40 -8.38
C ALA B 26 -9.67 -10.60 -7.00
N SER B 27 -10.54 -11.60 -6.88
CA SER B 27 -11.24 -11.94 -5.63
C SER B 27 -10.36 -12.62 -4.57
N ASN B 28 -10.76 -12.47 -3.31
CA ASN B 28 -10.02 -13.01 -2.17
C ASN B 28 -8.58 -12.47 -2.06
N ARG B 29 -8.49 -11.14 -2.01
CA ARG B 29 -7.22 -10.41 -1.93
C ARG B 29 -7.45 -9.23 -1.00
N ALA B 30 -6.39 -8.75 -0.37
CA ALA B 30 -6.49 -7.63 0.53
C ALA B 30 -6.86 -6.34 -0.22
N PHE B 31 -7.70 -5.51 0.40
CA PHE B 31 -8.04 -4.19 -0.16
C PHE B 31 -6.78 -3.36 -0.25
N VAL B 32 -6.74 -2.41 -1.18
CA VAL B 32 -5.61 -1.48 -1.24
C VAL B 32 -5.95 -0.42 -0.19
N ARG B 33 -4.93 0.18 0.43
CA ARG B 33 -5.18 1.30 1.34
C ARG B 33 -4.73 2.61 0.71
N TRP B 34 -5.60 3.61 0.70
CA TRP B 34 -5.22 4.93 0.20
C TRP B 34 -4.54 5.75 1.27
N LEU B 35 -4.77 5.37 2.53
CA LEU B 35 -4.11 5.99 3.68
C LEU B 35 -3.74 4.90 4.69
N PRO B 36 -2.63 5.10 5.43
CA PRO B 36 -2.20 4.16 6.47
C PRO B 36 -3.31 3.99 7.51
N ALA B 37 -3.42 2.77 8.04
CA ALA B 37 -4.43 2.43 9.04
C ALA B 37 -4.15 3.03 10.40
N GLU B 38 -5.24 3.29 11.12
CA GLU B 38 -5.19 3.86 12.46
C GLU B 38 -5.90 2.95 13.44
N TYR B 39 -5.08 2.26 14.23
CA TYR B 39 -5.56 1.34 15.23
C TYR B 39 -5.07 1.78 16.60
N GLU B 40 -5.82 1.41 17.62
CA GLU B 40 -5.54 1.72 19.02
C GLU B 40 -4.13 1.34 19.47
N ASP B 41 -3.59 0.25 18.92
CA ASP B 41 -2.24 -0.17 19.25
C ASP B 41 -1.28 0.01 18.06
N GLY B 42 -1.75 0.67 17.01
CA GLY B 42 -0.94 0.88 15.79
C GLY B 42 -1.02 -0.22 14.72
N PHE B 43 -1.42 -1.43 15.08
CA PHE B 43 -1.42 -2.51 14.09
C PHE B 43 -2.62 -3.47 14.03
N SER B 44 -3.47 -3.50 15.05
CA SER B 44 -4.55 -4.49 15.07
C SER B 44 -5.86 -4.13 15.83
N LEU B 45 -5.73 -3.61 17.05
CA LEU B 45 -6.91 -3.31 17.87
C LEU B 45 -7.65 -2.04 17.43
N PRO B 46 -8.98 -2.11 17.31
CA PRO B 46 -9.80 -0.97 16.86
C PRO B 46 -10.01 0.05 17.95
N TYR B 47 -10.14 1.33 17.58
CA TYR B 47 -10.44 2.37 18.57
C TYR B 47 -11.77 2.03 19.24
N GLY B 48 -11.78 2.15 20.56
CA GLY B 48 -12.96 1.80 21.36
C GLY B 48 -12.81 0.43 21.99
N TRP B 49 -11.73 -0.29 21.68
CA TRP B 49 -11.52 -1.63 22.24
C TRP B 49 -11.20 -1.61 23.73
N THR B 50 -10.25 -0.75 24.13
CA THR B 50 -9.80 -0.69 25.53
C THR B 50 -10.42 0.48 26.28
N PRO B 51 -11.11 0.20 27.41
CA PRO B 51 -11.73 1.25 28.24
C PRO B 51 -10.73 2.34 28.67
N GLY B 52 -11.12 3.60 28.51
CA GLY B 52 -10.25 4.72 28.89
C GLY B 52 -9.18 5.13 27.88
N VAL B 53 -8.93 4.32 26.85
CA VAL B 53 -7.91 4.68 25.85
C VAL B 53 -8.46 5.64 24.78
N LYS B 54 -7.93 6.85 24.79
CA LYS B 54 -8.37 7.93 23.90
C LYS B 54 -7.82 7.86 22.47
N ARG B 55 -8.53 8.50 21.55
CA ARG B 55 -8.11 8.59 20.16
C ARG B 55 -7.70 10.03 19.85
N ASN B 56 -6.42 10.24 19.54
CA ASN B 56 -5.91 11.56 19.17
C ASN B 56 -6.29 12.59 20.25
N GLY B 57 -6.22 12.18 21.51
CA GLY B 57 -6.52 13.08 22.65
C GLY B 57 -7.95 13.19 23.18
N PHE B 58 -8.90 12.46 22.59
CA PHE B 58 -10.30 12.53 23.00
C PHE B 58 -10.96 11.16 23.19
N PRO B 59 -11.95 11.05 24.10
CA PRO B 59 -12.62 9.77 24.32
C PRO B 59 -13.31 9.27 23.06
N VAL B 60 -13.32 7.95 22.87
CA VAL B 60 -13.98 7.35 21.70
C VAL B 60 -15.48 7.31 21.97
N ALA B 61 -16.28 7.83 21.05
CA ALA B 61 -17.74 7.84 21.23
C ALA B 61 -18.35 6.51 20.80
N LEU B 62 -19.23 5.97 21.63
CA LEU B 62 -19.94 4.75 21.28
C LEU B 62 -20.66 4.98 19.95
N ALA B 63 -20.57 4.00 19.06
CA ALA B 63 -21.24 4.09 17.77
C ALA B 63 -22.76 4.26 17.97
N ARG B 64 -23.34 3.48 18.89
CA ARG B 64 -24.78 3.54 19.20
C ARG B 64 -25.18 4.91 19.74
N ALA B 65 -24.31 5.55 20.53
CA ALA B 65 -24.58 6.90 21.03
C ALA B 65 -24.60 7.94 19.90
N VAL B 66 -23.63 7.87 18.99
CA VAL B 66 -23.58 8.81 17.85
C VAL B 66 -24.86 8.63 17.03
N SER B 67 -25.24 7.37 16.78
CA SER B 67 -26.47 7.05 16.04
C SER B 67 -27.70 7.67 16.73
N ASN B 68 -27.84 7.48 18.05
CA ASN B 68 -28.98 8.02 18.80
C ASN B 68 -29.09 9.53 18.75
N GLU B 69 -27.95 10.19 18.86
CA GLU B 69 -27.94 11.65 18.95
C GLU B 69 -27.90 12.41 17.65
N ILE B 70 -27.38 11.80 16.58
CA ILE B 70 -27.26 12.50 15.31
C ILE B 70 -28.10 11.94 14.15
N VAL B 71 -28.26 10.61 14.13
CA VAL B 71 -28.94 9.93 13.03
C VAL B 71 -30.45 9.82 13.25
N ARG B 72 -30.84 9.41 14.45
CA ARG B 72 -32.24 9.27 14.87
C ARG B 72 -33.11 10.48 14.52
N PHE B 73 -34.25 10.22 13.89
CA PHE B 73 -35.20 11.30 13.59
C PHE B 73 -36.64 10.75 13.56
N PRO B 74 -37.66 11.62 13.78
CA PRO B 74 -39.06 11.13 13.72
C PRO B 74 -39.47 10.82 12.27
N THR B 75 -39.84 9.56 12.04
CA THR B 75 -40.20 9.08 10.69
C THR B 75 -41.24 9.92 9.95
N ASP B 76 -42.16 10.55 10.67
CA ASP B 76 -43.18 11.39 10.04
C ASP B 76 -42.62 12.68 9.44
N GLN B 77 -41.34 12.95 9.70
CA GLN B 77 -40.65 14.13 9.12
C GLN B 77 -39.99 13.78 7.79
N LEU B 78 -40.07 12.50 7.39
CA LEU B 78 -39.40 12.03 6.19
C LEU B 78 -39.76 12.80 4.92
N THR B 79 -38.71 13.16 4.18
CA THR B 79 -38.80 13.91 2.95
C THR B 79 -38.54 13.01 1.76
N PRO B 80 -39.57 12.79 0.89
CA PRO B 80 -39.35 12.00 -0.31
C PRO B 80 -38.54 12.82 -1.32
N ASP B 81 -37.65 12.17 -2.06
CA ASP B 81 -36.83 12.86 -3.07
C ASP B 81 -37.66 13.04 -4.35
N GLN B 82 -38.02 14.28 -4.66
CA GLN B 82 -38.80 14.57 -5.87
C GLN B 82 -38.06 14.29 -7.18
N GLU B 83 -36.75 14.09 -7.11
CA GLU B 83 -35.94 13.84 -8.31
C GLU B 83 -35.16 12.52 -8.34
N ARG B 84 -35.52 11.58 -7.47
CA ARG B 84 -34.92 10.24 -7.47
C ARG B 84 -35.97 9.18 -7.14
N SER B 85 -35.94 8.08 -7.88
CA SER B 85 -36.81 6.95 -7.66
C SER B 85 -36.14 6.00 -6.67
N LEU B 86 -36.93 5.12 -6.07
CA LEU B 86 -36.41 4.14 -5.14
C LEU B 86 -35.43 3.19 -5.88
N MET B 87 -35.57 3.11 -7.20
CA MET B 87 -34.67 2.32 -8.05
C MET B 87 -33.22 2.87 -7.97
N PHE B 88 -33.09 4.17 -7.70
CA PHE B 88 -31.78 4.81 -7.53
C PHE B 88 -31.08 4.22 -6.30
N MET B 89 -31.83 3.99 -5.22
CA MET B 89 -31.31 3.36 -4.02
C MET B 89 -30.98 1.92 -4.35
N GLN B 90 -31.92 1.23 -5.00
CA GLN B 90 -31.74 -0.19 -5.30
C GLN B 90 -30.52 -0.56 -6.15
N TRP B 91 -30.24 0.24 -7.20
CA TRP B 91 -29.10 0.03 -8.09
C TRP B 91 -27.79 0.20 -7.34
N GLY B 92 -27.78 1.15 -6.41
CA GLY B 92 -26.62 1.39 -5.58
C GLY B 92 -26.25 0.12 -4.85
N GLN B 93 -27.24 -0.52 -4.22
CA GLN B 93 -26.99 -1.73 -3.45
C GLN B 93 -26.52 -2.89 -4.34
N LEU B 94 -27.19 -3.07 -5.48
CA LEU B 94 -26.85 -4.12 -6.42
C LEU B 94 -25.40 -3.99 -6.93
N LEU B 95 -24.98 -2.74 -7.19
CA LEU B 95 -23.66 -2.44 -7.71
C LEU B 95 -22.60 -2.65 -6.65
N ASP B 96 -22.95 -2.30 -5.41
CA ASP B 96 -22.07 -2.53 -4.29
C ASP B 96 -21.76 -4.03 -4.26
N HIS B 97 -22.79 -4.85 -4.46
CA HIS B 97 -22.67 -6.31 -4.44
C HIS B 97 -21.91 -6.93 -5.62
N ASP B 98 -21.47 -6.06 -6.52
CA ASP B 98 -20.65 -6.41 -7.67
C ASP B 98 -19.23 -5.97 -7.34
N LEU B 99 -19.07 -5.06 -6.38
CA LEU B 99 -17.74 -4.52 -6.09
C LEU B 99 -17.05 -5.10 -4.86
N ASP B 100 -17.76 -5.20 -3.74
CA ASP B 100 -17.14 -5.72 -2.52
C ASP B 100 -18.03 -6.47 -1.53
N PHE B 101 -17.42 -7.49 -0.92
CA PHE B 101 -17.97 -8.24 0.18
C PHE B 101 -16.80 -8.52 1.11
N THR B 102 -16.91 -8.06 2.35
CA THR B 102 -15.85 -8.24 3.33
C THR B 102 -16.21 -9.39 4.29
N PRO B 103 -15.59 -10.58 4.10
CA PRO B 103 -15.91 -11.74 4.94
C PRO B 103 -15.61 -11.58 6.44
N GLU B 104 -16.41 -12.30 7.23
CA GLU B 104 -16.32 -12.37 8.67
C GLU B 104 -16.33 -13.86 9.02
N PRO B 105 -15.86 -14.23 10.22
CA PRO B 105 -15.95 -15.66 10.62
C PRO B 105 -17.40 -16.06 10.82
N ALA B 106 -17.75 -17.30 10.51
CA ALA B 106 -19.13 -17.76 10.67
C ALA B 106 -19.57 -17.89 12.15
N VAL C 1 17.94 -27.22 3.17
CA VAL C 1 18.29 -26.29 2.03
C VAL C 1 19.19 -25.13 2.43
N ASN C 2 20.50 -25.41 2.51
CA ASN C 2 21.48 -24.37 2.81
C ASN C 2 21.81 -23.71 1.47
N CYS C 3 21.37 -22.47 1.30
CA CYS C 3 21.57 -21.71 0.06
C CYS C 3 23.03 -21.42 -0.26
N GLU C 4 23.89 -21.51 0.76
CA GLU C 4 25.30 -21.23 0.56
C GLU C 4 26.10 -22.44 0.07
N THR C 5 25.56 -23.65 0.26
CA THR C 5 26.31 -24.86 -0.10
C THR C 5 25.77 -25.66 -1.27
N SER C 6 24.58 -25.34 -1.76
CA SER C 6 24.06 -26.07 -2.91
C SER C 6 23.37 -25.15 -3.92
N CYS C 7 22.94 -25.74 -5.05
CA CYS C 7 22.30 -25.00 -6.12
C CYS C 7 20.84 -25.42 -6.33
N VAL C 8 20.30 -26.15 -5.36
CA VAL C 8 18.90 -26.59 -5.40
C VAL C 8 17.96 -25.40 -5.23
N GLN C 9 17.02 -25.24 -6.18
CA GLN C 9 16.02 -24.19 -6.13
C GLN C 9 14.76 -24.62 -5.34
N GLN C 10 14.86 -24.56 -4.01
CA GLN C 10 13.73 -24.83 -3.10
C GLN C 10 13.82 -23.83 -1.97
N PRO C 11 12.66 -23.43 -1.39
CA PRO C 11 12.68 -22.47 -0.28
C PRO C 11 13.76 -22.75 0.74
N PRO C 12 14.41 -21.69 1.25
CA PRO C 12 14.14 -20.30 0.90
C PRO C 12 15.16 -19.74 -0.11
N CYS C 13 15.72 -20.61 -0.94
CA CYS C 13 16.75 -20.22 -1.90
C CYS C 13 16.23 -19.81 -3.30
N PHE C 14 16.95 -18.91 -3.95
CA PHE C 14 16.66 -18.48 -5.34
C PHE C 14 18.02 -18.25 -6.01
N PRO C 15 18.82 -19.33 -6.19
CA PRO C 15 20.17 -19.21 -6.74
C PRO C 15 20.22 -18.63 -8.15
N LEU C 16 21.29 -17.90 -8.43
CA LEU C 16 21.48 -17.29 -9.76
C LEU C 16 22.05 -18.30 -10.74
N LYS C 17 21.33 -18.52 -11.85
CA LYS C 17 21.79 -19.42 -12.89
C LYS C 17 22.99 -18.85 -13.62
N ILE C 18 23.82 -19.74 -14.13
CA ILE C 18 25.04 -19.33 -14.85
C ILE C 18 24.86 -19.40 -16.36
N PRO C 19 25.22 -18.30 -17.07
CA PRO C 19 25.09 -18.26 -18.53
C PRO C 19 26.16 -19.10 -19.21
N PRO C 20 25.93 -19.48 -20.49
CA PRO C 20 26.94 -20.24 -21.23
C PRO C 20 28.17 -19.36 -21.42
N ASN C 21 29.35 -19.98 -21.38
CA ASN C 21 30.62 -19.26 -21.60
C ASN C 21 30.91 -18.10 -20.63
N ASP C 22 30.59 -18.32 -19.36
CA ASP C 22 30.85 -17.35 -18.32
C ASP C 22 32.36 -17.22 -18.17
N PRO C 23 32.87 -15.98 -18.02
CA PRO C 23 34.33 -15.87 -17.88
C PRO C 23 34.90 -16.54 -16.62
N ARG C 24 34.06 -16.85 -15.63
CA ARG C 24 34.56 -17.43 -14.39
C ARG C 24 34.02 -18.83 -14.04
N ILE C 25 32.70 -18.96 -14.02
CA ILE C 25 32.06 -20.21 -13.63
C ILE C 25 31.84 -21.06 -14.89
N LYS C 26 32.76 -21.99 -15.11
CA LYS C 26 32.77 -22.84 -16.31
C LYS C 26 31.70 -23.93 -16.33
N ASN C 27 31.27 -24.37 -15.14
CA ASN C 27 30.16 -25.34 -15.09
C ASN C 27 28.78 -24.64 -15.06
N GLN C 28 28.01 -24.79 -16.13
CA GLN C 28 26.65 -24.22 -16.26
C GLN C 28 25.61 -24.73 -15.26
N ALA C 29 26.02 -25.70 -14.43
CA ALA C 29 25.19 -26.29 -13.38
C ALA C 29 25.44 -25.64 -12.01
N ASP C 30 26.61 -25.01 -11.84
CA ASP C 30 26.99 -24.28 -10.61
C ASP C 30 25.98 -23.11 -10.56
N CYS C 31 26.11 -22.24 -9.58
CA CYS C 31 25.20 -21.12 -9.42
C CYS C 31 25.89 -20.15 -8.49
N ILE C 32 25.29 -18.98 -8.27
CA ILE C 32 25.79 -18.03 -7.28
C ILE C 32 24.76 -18.07 -6.17
N PRO C 33 25.20 -18.32 -4.91
CA PRO C 33 24.28 -18.42 -3.76
C PRO C 33 23.38 -17.21 -3.57
N PHE C 34 22.15 -17.45 -3.10
CA PHE C 34 21.15 -16.39 -2.89
C PHE C 34 19.98 -16.92 -2.05
N PHE C 35 19.67 -16.23 -0.94
CA PHE C 35 18.53 -16.54 -0.06
C PHE C 35 17.49 -15.47 -0.33
N ARG C 36 16.22 -15.87 -0.46
CA ARG C 36 15.13 -14.90 -0.62
C ARG C 36 14.91 -14.16 0.68
N SER C 37 14.58 -12.88 0.59
CA SER C 37 14.25 -12.08 1.76
C SER C 37 13.03 -12.66 2.48
N PRO C 39 9.51 -13.16 4.05
CA PRO C 39 8.24 -12.50 3.75
C PRO C 39 7.59 -11.93 5.02
N ALA C 40 6.82 -10.86 4.87
CA ALA C 40 6.08 -10.25 5.99
C ALA C 40 4.94 -11.14 6.49
N CYS C 41 4.36 -11.93 5.58
CA CYS C 41 3.27 -12.85 5.96
C CYS C 41 3.59 -14.26 5.43
N PRO C 42 4.43 -15.02 6.17
CA PRO C 42 4.89 -16.35 5.75
C PRO C 42 3.78 -17.34 5.43
N GLY C 43 3.89 -17.98 4.26
CA GLY C 43 2.96 -19.03 3.82
C GLY C 43 1.59 -18.60 3.30
N SER C 44 1.32 -17.30 3.27
CA SER C 44 0.00 -16.81 2.87
C SER C 44 -0.43 -17.08 1.42
N ASN C 45 -1.69 -17.48 1.27
CA ASN C 45 -2.33 -17.69 -0.02
C ASN C 45 -3.28 -16.52 -0.35
N ILE C 46 -3.19 -15.46 0.45
CA ILE C 46 -4.01 -14.27 0.30
C ILE C 46 -3.18 -13.01 -0.03
N THR C 47 -2.16 -12.72 0.78
CA THR C 47 -1.36 -11.51 0.58
C THR C 47 -0.39 -11.57 -0.61
N ILE C 48 -0.04 -10.40 -1.13
CA ILE C 48 0.98 -10.28 -2.17
C ILE C 48 2.29 -10.13 -1.38
N ARG C 49 3.18 -11.10 -1.53
CA ARG C 49 4.45 -11.13 -0.81
C ARG C 49 5.13 -9.76 -0.71
N ASN C 50 5.56 -9.41 0.49
CA ASN C 50 6.27 -8.17 0.73
C ASN C 50 7.40 -8.47 1.72
N GLN C 51 8.41 -7.61 1.72
CA GLN C 51 9.57 -7.80 2.57
C GLN C 51 9.53 -6.90 3.81
N ILE C 52 10.46 -7.14 4.74
CA ILE C 52 10.52 -6.47 6.02
C ILE C 52 11.73 -5.54 6.19
N ASN C 53 11.53 -4.40 6.83
CA ASN C 53 12.66 -3.56 7.18
C ASN C 53 12.86 -3.79 8.67
N ALA C 54 14.06 -4.23 9.03
CA ALA C 54 14.39 -4.52 10.42
C ALA C 54 14.88 -3.29 11.18
N LEU C 55 15.07 -2.18 10.48
CA LEU C 55 15.59 -0.96 11.11
C LEU C 55 14.57 0.17 11.16
N THR C 56 14.90 1.25 11.87
CA THR C 56 14.03 2.42 11.89
C THR C 56 14.37 3.17 10.62
N SER C 57 13.34 3.62 9.90
CA SER C 57 13.57 4.29 8.64
C SER C 57 14.15 5.69 8.85
N PHE C 58 13.90 6.26 10.02
CA PHE C 58 14.35 7.60 10.32
C PHE C 58 15.87 7.72 10.31
N VAL C 59 16.35 8.91 9.95
CA VAL C 59 17.77 9.20 9.98
C VAL C 59 18.00 9.56 11.45
N ASP C 60 18.26 8.53 12.25
CA ASP C 60 18.36 8.68 13.68
C ASP C 60 19.58 8.01 14.28
N ALA C 61 20.58 7.73 13.44
CA ALA C 61 21.81 7.05 13.87
C ALA C 61 21.52 5.70 14.51
N SER C 62 20.48 5.00 14.00
CA SER C 62 20.13 3.68 14.51
C SER C 62 21.22 2.62 14.23
N MET C 63 22.12 2.95 13.30
CA MET C 63 23.24 2.03 13.02
C MET C 63 24.25 2.10 14.17
N VAL C 64 24.11 3.12 15.01
CA VAL C 64 24.97 3.26 16.21
C VAL C 64 24.27 2.70 17.46
N TYR C 65 22.99 3.08 17.64
CA TYR C 65 22.22 2.75 18.86
C TYR C 65 21.36 1.50 18.87
N GLY C 66 21.06 0.97 17.67
CA GLY C 66 20.21 -0.19 17.53
C GLY C 66 18.76 0.17 17.27
N SER C 67 18.02 -0.75 16.65
CA SER C 67 16.59 -0.57 16.36
C SER C 67 15.64 -1.51 17.14
N GLU C 68 16.19 -2.31 18.06
CA GLU C 68 15.41 -3.27 18.89
C GLU C 68 15.90 -3.16 20.32
N GLU C 69 15.03 -3.39 21.31
CA GLU C 69 15.38 -3.09 22.72
C GLU C 69 16.36 -3.92 23.52
N PRO C 70 16.48 -5.24 23.23
CA PRO C 70 17.53 -5.99 23.94
C PRO C 70 18.88 -5.44 23.49
N LEU C 71 19.09 -5.41 22.19
CA LEU C 71 20.31 -4.89 21.59
C LEU C 71 20.71 -3.49 22.08
N ALA C 72 19.78 -2.54 22.04
CA ALA C 72 20.09 -1.16 22.44
C ALA C 72 20.61 -1.08 23.87
N ARG C 73 20.08 -1.95 24.71
CA ARG C 73 20.46 -1.98 26.10
C ARG C 73 21.86 -2.60 26.21
N ASN C 74 22.13 -3.61 25.40
CA ASN C 74 23.43 -4.28 25.41
C ASN C 74 24.58 -3.48 24.80
N LEU C 75 24.26 -2.49 23.97
CA LEU C 75 25.29 -1.64 23.39
C LEU C 75 25.75 -0.60 24.41
N ARG C 76 25.02 -0.49 25.51
CA ARG C 76 25.27 0.52 26.55
C ARG C 76 26.18 0.09 27.70
N ASN C 77 26.95 1.03 28.22
CA ASN C 77 27.82 0.73 29.37
C ASN C 77 26.96 0.88 30.62
N MET C 78 26.61 -0.25 31.25
CA MET C 78 25.73 -0.20 32.42
C MET C 78 26.47 -0.29 33.77
N SER C 79 27.80 -0.33 33.73
CA SER C 79 28.62 -0.38 34.94
C SER C 79 28.63 0.93 35.75
N ASN C 80 28.06 1.99 35.18
CA ASN C 80 28.04 3.30 35.82
C ASN C 80 26.87 4.18 35.34
N GLN C 81 26.91 5.47 35.67
CA GLN C 81 25.84 6.42 35.32
C GLN C 81 26.33 7.53 34.38
N LEU C 82 27.28 7.20 33.51
CA LEU C 82 27.87 8.19 32.59
C LEU C 82 27.20 8.26 31.20
N GLY C 83 26.24 7.37 30.95
CA GLY C 83 25.53 7.32 29.68
C GLY C 83 26.40 7.01 28.49
N LEU C 84 27.42 6.18 28.69
CA LEU C 84 28.33 5.79 27.60
C LEU C 84 27.87 4.52 26.87
N LEU C 85 28.40 4.34 25.67
CA LEU C 85 28.19 3.11 24.91
C LEU C 85 29.35 2.20 25.27
N ALA C 86 29.10 0.89 25.34
CA ALA C 86 30.16 -0.08 25.67
C ALA C 86 31.28 -0.06 24.63
N VAL C 87 32.51 -0.30 25.10
CA VAL C 87 33.69 -0.31 24.23
C VAL C 87 34.42 -1.65 24.36
N ASN C 88 35.37 -1.92 23.45
CA ASN C 88 36.12 -3.18 23.45
C ASN C 88 36.93 -3.32 24.75
N GLN C 89 36.88 -4.52 25.35
CA GLN C 89 37.56 -4.83 26.61
C GLN C 89 38.93 -5.53 26.47
N ARG C 90 39.31 -5.89 25.25
CA ARG C 90 40.61 -6.55 25.01
C ARG C 90 41.59 -5.69 24.21
N PHE C 91 41.08 -4.75 23.40
CA PHE C 91 41.93 -3.92 22.56
C PHE C 91 41.53 -2.47 22.52
N GLN C 92 42.53 -1.65 22.19
CA GLN C 92 42.41 -0.21 21.99
C GLN C 92 43.22 0.14 20.76
N ASP C 93 42.95 1.31 20.19
CA ASP C 93 43.58 1.83 18.98
C ASP C 93 44.39 3.07 19.37
N ASN C 94 45.65 2.85 19.75
CA ASN C 94 46.52 3.92 20.22
C ASN C 94 45.85 4.68 21.38
N GLY C 95 45.35 3.92 22.35
CA GLY C 95 44.66 4.50 23.50
C GLY C 95 43.18 4.87 23.33
N ARG C 96 42.64 4.74 22.11
CA ARG C 96 41.24 5.09 21.81
C ARG C 96 40.31 3.88 21.68
N ALA C 97 39.02 4.09 21.92
CA ALA C 97 38.05 3.00 21.88
C ALA C 97 37.81 2.33 20.51
N LEU C 98 37.52 1.04 20.58
CA LEU C 98 37.09 0.25 19.43
C LEU C 98 35.74 -0.33 19.81
N LEU C 99 35.00 -0.78 18.79
CA LEU C 99 33.71 -1.42 19.04
C LEU C 99 33.87 -2.70 19.85
N PRO C 100 32.88 -3.04 20.68
CA PRO C 100 33.02 -4.33 21.37
C PRO C 100 32.86 -5.47 20.36
N PHE C 101 33.28 -6.69 20.73
CA PHE C 101 33.09 -7.86 19.89
C PHE C 101 31.70 -8.47 20.06
N ASP C 102 31.23 -9.10 19.01
CA ASP C 102 29.93 -9.77 19.01
C ASP C 102 30.18 -11.25 19.32
N ASN C 103 29.11 -12.01 19.55
CA ASN C 103 29.22 -13.46 19.79
C ASN C 103 28.36 -14.19 18.78
N LEU C 104 28.84 -14.27 17.53
CA LEU C 104 28.09 -14.91 16.44
C LEU C 104 28.26 -16.43 16.34
N HIS C 105 27.15 -17.10 16.01
CA HIS C 105 27.08 -18.56 15.80
C HIS C 105 28.14 -18.94 14.74
N ASP C 106 27.97 -18.47 13.51
CA ASP C 106 28.98 -18.69 12.46
C ASP C 106 29.60 -17.34 12.11
N ASP C 107 30.69 -17.02 12.80
CA ASP C 107 31.37 -15.74 12.66
C ASP C 107 32.28 -15.69 11.43
N PRO C 108 31.87 -14.92 10.40
CA PRO C 108 32.64 -14.83 9.17
C PRO C 108 33.97 -14.07 9.33
N CYS C 109 34.06 -13.17 10.30
CA CYS C 109 35.31 -12.43 10.49
C CYS C 109 36.48 -13.36 10.83
N LEU C 110 36.21 -14.42 11.58
CA LEU C 110 37.21 -15.43 11.96
C LEU C 110 37.77 -16.22 10.78
N LEU C 111 37.08 -16.18 9.64
CA LEU C 111 37.50 -16.90 8.44
C LEU C 111 38.47 -16.11 7.57
N THR C 112 38.54 -14.79 7.77
CA THR C 112 39.38 -13.92 6.94
C THR C 112 40.88 -14.00 7.24
N ASN C 113 41.22 -14.44 8.45
CA ASN C 113 42.61 -14.67 8.89
C ASN C 113 42.46 -15.61 10.08
N ARG C 114 42.56 -16.91 9.81
CA ARG C 114 42.36 -17.94 10.82
C ARG C 114 43.26 -17.84 12.05
N SER C 115 44.54 -17.51 11.85
CA SER C 115 45.46 -17.42 12.97
C SER C 115 45.26 -16.17 13.85
N ALA C 116 44.83 -15.06 13.25
CA ALA C 116 44.58 -13.80 14.00
C ALA C 116 43.49 -13.93 15.07
N ARG C 117 42.47 -14.74 14.77
CA ARG C 117 41.35 -14.98 15.69
C ARG C 117 40.58 -13.73 16.20
N ILE C 118 40.34 -12.79 15.29
CA ILE C 118 39.58 -11.59 15.60
C ILE C 118 38.13 -11.70 15.07
N PRO C 119 37.15 -11.76 15.98
CA PRO C 119 35.74 -11.91 15.59
C PRO C 119 35.13 -10.60 15.10
N CYS C 120 33.87 -10.65 14.68
CA CYS C 120 33.18 -9.45 14.22
C CYS C 120 32.78 -8.51 15.38
N PHE C 121 32.63 -7.22 15.05
CA PHE C 121 32.26 -6.20 16.03
C PHE C 121 30.74 -6.14 16.26
N LEU C 122 30.36 -5.62 17.43
CA LEU C 122 28.95 -5.45 17.76
C LEU C 122 28.60 -3.97 17.63
N ALA C 123 27.59 -3.66 16.83
CA ALA C 123 27.16 -2.27 16.65
C ALA C 123 25.64 -2.22 16.52
N GLY C 124 25.08 -1.04 16.27
CA GLY C 124 23.63 -0.89 16.15
C GLY C 124 23.02 -1.64 14.96
N ASP C 125 23.84 -1.87 13.93
CA ASP C 125 23.46 -2.58 12.73
C ASP C 125 24.43 -3.77 12.61
N THR C 126 23.94 -4.90 12.13
CA THR C 126 24.74 -6.13 11.99
C THR C 126 25.80 -6.14 10.86
N ARG C 127 25.90 -5.07 10.07
CA ARG C 127 26.86 -5.08 8.96
C ARG C 127 28.17 -4.33 9.21
N SER C 128 28.36 -3.83 10.43
CA SER C 128 29.51 -2.97 10.79
C SER C 128 30.89 -3.45 10.36
N SER C 129 31.10 -4.77 10.35
CA SER C 129 32.39 -5.35 9.99
C SER C 129 32.55 -5.67 8.50
N GLU C 130 31.50 -5.44 7.68
CA GLU C 130 31.52 -5.80 6.24
C GLU C 130 32.78 -5.35 5.51
N MET C 131 33.28 -4.15 5.81
CA MET C 131 34.54 -3.66 5.26
C MET C 131 35.14 -2.72 6.31
N PRO C 132 36.47 -2.74 6.51
CA PRO C 132 37.09 -1.92 7.58
C PRO C 132 36.86 -0.41 7.44
N GLU C 133 36.58 0.06 6.24
CA GLU C 133 36.28 1.47 6.04
C GLU C 133 34.92 1.82 6.67
N LEU C 134 34.00 0.85 6.69
CA LEU C 134 32.69 1.00 7.32
C LEU C 134 32.83 0.85 8.84
N THR C 135 33.71 -0.05 9.28
CA THR C 135 33.98 -0.24 10.72
C THR C 135 34.55 1.06 11.32
N SER C 136 35.40 1.74 10.56
CA SER C 136 36.03 2.99 10.98
C SER C 136 35.00 4.07 11.22
N MET C 137 34.00 4.16 10.34
CA MET C 137 32.93 5.14 10.48
C MET C 137 32.07 4.82 11.70
N HIS C 138 31.76 3.55 11.92
CA HIS C 138 31.02 3.09 13.11
C HIS C 138 31.80 3.41 14.41
N THR C 139 33.11 3.25 14.38
CA THR C 139 33.98 3.46 15.54
C THR C 139 34.07 4.95 15.83
N LEU C 140 34.16 5.74 14.78
CA LEU C 140 34.21 7.18 14.90
C LEU C 140 32.98 7.68 15.68
N LEU C 141 31.80 7.18 15.32
CA LEU C 141 30.55 7.61 15.96
C LEU C 141 30.40 7.09 17.38
N LEU C 142 30.93 5.90 17.65
CA LEU C 142 30.95 5.39 19.03
C LEU C 142 31.72 6.38 19.90
N ARG C 143 32.89 6.79 19.42
CA ARG C 143 33.76 7.73 20.13
C ARG C 143 33.10 9.10 20.32
N GLU C 144 32.49 9.63 19.26
CA GLU C 144 31.77 10.91 19.35
C GLU C 144 30.64 10.85 20.38
N HIS C 145 29.94 9.73 20.47
CA HIS C 145 28.88 9.62 21.50
C HIS C 145 29.49 9.76 22.88
N ASN C 146 30.55 9.00 23.14
CA ASN C 146 31.17 9.00 24.46
C ASN C 146 31.78 10.34 24.85
N ARG C 147 32.35 11.06 23.87
CA ARG C 147 32.92 12.38 24.08
C ARG C 147 31.83 13.37 24.45
N LEU C 148 30.69 13.29 23.76
CA LEU C 148 29.58 14.20 24.02
C LEU C 148 29.02 13.95 25.41
N ALA C 149 28.86 12.69 25.77
CA ALA C 149 28.36 12.30 27.09
C ALA C 149 29.31 12.76 28.19
N THR C 150 30.61 12.75 27.89
CA THR C 150 31.61 13.19 28.87
C THR C 150 31.50 14.69 29.11
N GLU C 151 31.45 15.47 28.02
CA GLU C 151 31.32 16.93 28.12
C GLU C 151 29.96 17.32 28.70
N LEU C 152 28.89 16.61 28.32
CA LEU C 152 27.57 16.89 28.89
C LEU C 152 27.57 16.67 30.41
N LYS C 153 28.37 15.73 30.88
CA LYS C 153 28.47 15.43 32.31
C LYS C 153 29.15 16.58 33.09
N SER C 154 30.16 17.23 32.50
CA SER C 154 30.85 18.37 33.13
C SER C 154 29.88 19.52 33.29
N LEU C 155 29.16 19.83 32.20
CA LEU C 155 28.17 20.89 32.17
C LEU C 155 27.02 20.65 33.11
N ASN C 156 26.53 19.41 33.14
CA ASN C 156 25.37 19.03 33.94
C ASN C 156 25.67 17.86 34.91
N PRO C 157 26.35 18.17 36.04
CA PRO C 157 26.76 17.14 37.00
C PRO C 157 25.61 16.38 37.63
N ARG C 158 24.42 16.96 37.70
CA ARG C 158 23.24 16.26 38.29
C ARG C 158 22.60 15.23 37.34
N TRP C 159 22.80 15.37 36.03
CA TRP C 159 22.22 14.45 35.02
C TRP C 159 22.57 12.98 35.26
N ASP C 160 21.56 12.11 35.29
CA ASP C 160 21.83 10.68 35.48
C ASP C 160 22.20 10.01 34.15
N GLY C 161 22.60 8.74 34.21
CA GLY C 161 23.00 7.95 33.03
C GLY C 161 22.03 7.96 31.85
N GLU C 162 20.74 7.75 32.16
CA GLU C 162 19.70 7.75 31.16
C GLU C 162 19.64 9.09 30.39
N ARG C 163 19.66 10.20 31.13
CA ARG C 163 19.62 11.54 30.56
C ARG C 163 20.85 11.86 29.70
N LEU C 164 22.03 11.45 30.17
CA LEU C 164 23.27 11.70 29.44
C LEU C 164 23.33 10.92 28.15
N TYR C 165 22.79 9.70 28.20
CA TYR C 165 22.76 8.84 27.03
C TYR C 165 21.82 9.40 25.97
N GLN C 166 20.61 9.79 26.39
CA GLN C 166 19.61 10.33 25.45
C GLN C 166 20.04 11.65 24.85
N GLU C 167 20.63 12.53 25.65
CA GLU C 167 21.09 13.83 25.14
C GLU C 167 22.21 13.70 24.12
N ALA C 168 23.15 12.80 24.36
CA ALA C 168 24.25 12.61 23.41
C ALA C 168 23.75 11.92 22.13
N ARG C 169 22.82 10.98 22.29
CA ARG C 169 22.19 10.26 21.18
C ARG C 169 21.44 11.22 20.26
N LYS C 170 20.75 12.17 20.87
CA LYS C 170 19.97 13.17 20.17
C LYS C 170 20.93 14.03 19.33
N ILE C 171 22.08 14.38 19.90
CA ILE C 171 23.06 15.16 19.17
C ILE C 171 23.68 14.37 18.00
N VAL C 172 24.01 13.09 18.25
CA VAL C 172 24.60 12.24 17.20
C VAL C 172 23.62 12.10 16.01
N GLY C 173 22.34 11.86 16.31
CA GLY C 173 21.30 11.79 15.28
C GLY C 173 21.26 13.06 14.46
N ALA C 174 21.28 14.22 15.12
CA ALA C 174 21.26 15.50 14.42
C ALA C 174 22.47 15.67 13.52
N MET C 175 23.64 15.24 14.00
CA MET C 175 24.86 15.31 13.19
C MET C 175 24.73 14.50 11.89
N VAL C 176 24.20 13.27 12.00
CA VAL C 176 23.96 12.43 10.83
C VAL C 176 23.00 13.14 9.84
N GLN C 177 21.92 13.72 10.36
CA GLN C 177 20.96 14.47 9.54
C GLN C 177 21.60 15.66 8.82
N ILE C 178 22.35 16.48 9.57
CA ILE C 178 23.03 17.65 9.01
C ILE C 178 24.01 17.25 7.91
N ILE C 179 24.91 16.33 8.20
CA ILE C 179 25.87 15.90 7.19
C ILE C 179 25.18 15.30 5.94
N THR C 180 24.11 14.54 6.15
CA THR C 180 23.40 13.91 5.04
C THR C 180 22.71 14.94 4.13
N TYR C 181 21.90 15.81 4.73
CA TYR C 181 21.12 16.75 3.96
C TYR C 181 21.89 17.98 3.49
N ARG C 182 22.88 18.43 4.25
CA ARG C 182 23.67 19.60 3.88
C ARG C 182 24.87 19.29 2.99
N ASP C 183 25.60 18.20 3.28
CA ASP C 183 26.83 17.90 2.52
C ASP C 183 26.77 16.75 1.52
N TYR C 184 26.04 15.69 1.85
CA TYR C 184 25.96 14.48 1.02
C TYR C 184 24.91 14.53 -0.11
N LEU C 185 23.62 14.69 0.24
CA LEU C 185 22.53 14.67 -0.77
C LEU C 185 22.67 15.65 -1.95
N PRO C 186 23.18 16.89 -1.72
CA PRO C 186 23.29 17.74 -2.93
C PRO C 186 24.35 17.25 -3.95
N LEU C 187 25.34 16.50 -3.46
CA LEU C 187 26.40 15.93 -4.31
C LEU C 187 25.97 14.63 -4.99
N VAL C 188 24.89 14.04 -4.50
CA VAL C 188 24.36 12.84 -5.13
C VAL C 188 23.37 13.26 -6.24
N LEU C 189 22.45 14.15 -5.89
CA LEU C 189 21.38 14.58 -6.78
C LEU C 189 21.72 15.69 -7.77
N GLY C 190 22.63 16.60 -7.39
CA GLY C 190 22.93 17.77 -8.21
C GLY C 190 21.95 18.87 -7.81
N PRO C 191 22.23 20.13 -8.18
CA PRO C 191 21.39 21.24 -7.71
C PRO C 191 19.95 21.27 -8.21
N THR C 192 19.73 20.86 -9.46
CA THR C 192 18.40 20.87 -10.05
C THR C 192 17.46 19.89 -9.33
N ALA C 193 17.89 18.64 -9.15
CA ALA C 193 17.09 17.65 -8.45
C ALA C 193 16.98 17.99 -6.94
N MET C 194 18.01 18.62 -6.39
CA MET C 194 17.99 19.03 -4.98
C MET C 194 16.85 20.02 -4.74
N ARG C 195 16.73 21.00 -5.64
CA ARG C 195 15.67 21.99 -5.52
C ARG C 195 14.28 21.41 -5.74
N LYS C 196 14.18 20.47 -6.68
CA LYS C 196 12.87 19.88 -6.97
C LYS C 196 12.38 18.93 -5.89
N TYR C 197 13.20 17.94 -5.51
CA TYR C 197 12.74 16.92 -4.53
C TYR C 197 12.96 17.27 -3.07
N LEU C 198 13.83 18.25 -2.79
CA LEU C 198 14.08 18.66 -1.41
C LEU C 198 14.04 20.18 -1.18
N PRO C 199 12.89 20.81 -1.47
CA PRO C 199 12.77 22.26 -1.25
C PRO C 199 12.92 22.59 0.25
N THR C 200 13.14 23.86 0.56
CA THR C 200 13.38 24.30 1.94
C THR C 200 12.37 23.69 2.91
N TYR C 201 12.87 23.20 4.04
CA TYR C 201 12.01 22.62 5.09
C TYR C 201 11.09 23.67 5.69
N ARG C 202 9.81 23.34 5.84
CA ARG C 202 8.82 24.27 6.43
C ARG C 202 8.32 23.83 7.81
N SER C 203 7.96 22.55 7.94
CA SER C 203 7.44 22.02 9.21
C SER C 203 7.21 20.53 9.16
N TYR C 204 7.10 19.92 10.33
CA TYR C 204 6.74 18.52 10.45
C TYR C 204 5.30 18.36 9.93
N ASN C 205 5.05 17.31 9.15
CA ASN C 205 3.71 17.06 8.60
C ASN C 205 3.37 15.62 8.96
N ASP C 206 2.39 15.44 9.84
CA ASP C 206 2.05 14.11 10.35
C ASP C 206 1.35 13.20 9.32
N SER C 207 1.12 13.72 8.12
CA SER C 207 0.48 12.96 7.07
C SER C 207 1.47 12.44 6.03
N VAL C 208 2.75 12.76 6.22
CA VAL C 208 3.80 12.27 5.33
C VAL C 208 4.25 10.90 5.87
N ASP C 209 4.12 9.88 5.04
CA ASP C 209 4.47 8.51 5.38
C ASP C 209 6.00 8.37 5.33
N PRO C 210 6.66 8.17 6.49
CA PRO C 210 8.13 8.10 6.57
C PRO C 210 8.76 6.72 6.34
N ARG C 211 7.99 5.76 5.89
CA ARG C 211 8.50 4.42 5.65
C ARG C 211 9.45 4.32 4.45
N ILE C 212 10.37 3.37 4.51
CA ILE C 212 11.22 3.13 3.38
C ILE C 212 10.39 2.34 2.34
N ALA C 213 10.47 2.79 1.09
CA ALA C 213 9.79 2.17 -0.03
C ALA C 213 10.63 0.99 -0.45
N ASN C 214 9.96 -0.10 -0.85
CA ASN C 214 10.67 -1.30 -1.26
C ASN C 214 11.71 -0.98 -2.37
N VAL C 215 11.30 -0.20 -3.38
CA VAL C 215 12.19 0.17 -4.48
C VAL C 215 13.50 0.89 -4.06
N PHE C 216 13.44 1.72 -3.02
CA PHE C 216 14.62 2.45 -2.51
C PHE C 216 15.75 1.51 -2.04
N THR C 217 15.39 0.35 -1.47
CA THR C 217 16.39 -0.64 -0.99
C THR C 217 17.30 -1.11 -2.12
N ASN C 218 16.79 -1.01 -3.34
CA ASN C 218 17.52 -1.44 -4.53
C ASN C 218 18.08 -0.22 -5.26
N ALA C 219 17.30 0.87 -5.37
CA ALA C 219 17.77 2.07 -6.06
C ALA C 219 18.97 2.76 -5.37
N PHE C 220 19.04 2.74 -4.04
CA PHE C 220 20.13 3.41 -3.32
C PHE C 220 21.48 2.64 -3.44
N ARG C 221 21.39 1.44 -4.01
CA ARG C 221 22.57 0.63 -4.32
C ARG C 221 23.33 1.24 -5.50
N TYR C 222 22.89 2.40 -6.01
CA TYR C 222 23.59 3.12 -7.10
C TYR C 222 25.05 3.29 -6.64
N GLY C 223 25.23 3.32 -5.32
CA GLY C 223 26.52 3.50 -4.67
C GLY C 223 27.59 2.49 -5.01
N HIS C 224 27.16 1.29 -5.39
CA HIS C 224 28.13 0.26 -5.76
C HIS C 224 29.01 0.68 -6.95
N THR C 225 28.54 1.64 -7.74
CA THR C 225 29.32 2.12 -8.89
C THR C 225 30.50 3.04 -8.47
N LEU C 226 30.52 3.42 -7.20
CA LEU C 226 31.53 4.36 -6.67
C LEU C 226 32.74 3.65 -6.03
N ILE C 227 32.61 2.34 -5.89
CA ILE C 227 33.60 1.52 -5.20
C ILE C 227 34.94 1.32 -5.93
N GLN C 228 36.03 1.65 -5.25
CA GLN C 228 37.40 1.46 -5.75
C GLN C 228 37.79 0.01 -5.43
N PRO C 229 38.66 -0.62 -6.25
CA PRO C 229 39.07 -2.02 -6.03
C PRO C 229 40.06 -2.27 -4.89
N PHE C 230 40.47 -1.21 -4.19
CA PHE C 230 41.42 -1.32 -3.10
C PHE C 230 40.97 -0.54 -1.88
N MET C 231 41.49 -0.94 -0.72
CA MET C 231 41.34 -0.20 0.52
C MET C 231 42.65 0.55 0.60
N PHE C 232 42.59 1.87 0.79
CA PHE C 232 43.80 2.68 0.85
C PHE C 232 44.11 3.08 2.29
N ARG C 233 45.38 2.98 2.68
CA ARG C 233 45.84 3.34 4.01
C ARG C 233 47.03 4.31 3.92
N LEU C 234 46.96 5.40 4.68
CA LEU C 234 48.00 6.42 4.67
C LEU C 234 48.49 6.78 6.07
N ASP C 235 49.80 7.03 6.20
CA ASP C 235 50.40 7.36 7.48
C ASP C 235 50.21 8.84 7.82
N ASN C 236 50.84 9.29 8.91
CA ASN C 236 50.64 10.67 9.39
C ASN C 236 51.26 11.76 8.52
N ARG C 237 51.69 11.39 7.32
CA ARG C 237 52.23 12.33 6.36
C ARG C 237 51.42 12.18 5.06
N TYR C 238 50.34 11.41 5.13
CA TYR C 238 49.47 11.14 3.96
C TYR C 238 50.20 10.47 2.79
N GLN C 239 51.10 9.56 3.14
CA GLN C 239 51.89 8.80 2.17
C GLN C 239 51.52 7.33 2.36
N PRO C 240 51.59 6.52 1.28
CA PRO C 240 51.23 5.11 1.37
C PRO C 240 51.84 4.46 2.62
N MET C 241 50.99 3.80 3.40
CA MET C 241 51.46 3.19 4.63
C MET C 241 51.97 1.76 4.41
N GLU C 242 53.29 1.62 4.43
CA GLU C 242 53.97 0.32 4.22
C GLU C 242 53.68 -0.67 5.34
N PRO C 243 53.73 -1.99 5.04
CA PRO C 243 54.07 -2.63 3.75
C PRO C 243 52.92 -2.79 2.74
N ASN C 244 51.66 -2.79 3.22
CA ASN C 244 50.48 -2.97 2.34
C ASN C 244 49.55 -1.75 2.27
N PRO C 245 49.93 -0.71 1.51
CA PRO C 245 49.08 0.48 1.42
C PRO C 245 47.87 0.35 0.48
N ARG C 246 47.81 -0.70 -0.32
CA ARG C 246 46.75 -0.84 -1.32
C ARG C 246 46.27 -2.30 -1.35
N VAL C 247 45.41 -2.66 -0.41
CA VAL C 247 44.91 -4.02 -0.29
C VAL C 247 43.70 -4.29 -1.18
N PRO C 248 43.75 -5.36 -2.00
CA PRO C 248 42.57 -5.70 -2.82
C PRO C 248 41.35 -5.84 -1.91
N LEU C 249 40.21 -5.33 -2.39
CA LEU C 249 38.99 -5.29 -1.60
C LEU C 249 38.52 -6.70 -1.21
N SER C 250 38.82 -7.69 -2.04
CA SER C 250 38.43 -9.07 -1.78
C SER C 250 39.18 -9.68 -0.61
N ARG C 251 40.15 -8.95 -0.05
CA ARG C 251 40.86 -9.46 1.13
C ARG C 251 40.62 -8.59 2.39
N VAL C 252 39.62 -7.72 2.33
CA VAL C 252 39.21 -6.87 3.47
C VAL C 252 37.77 -7.13 3.95
N PHE C 253 36.93 -7.77 3.14
CA PHE C 253 35.56 -8.03 3.56
C PHE C 253 35.60 -8.82 4.86
N PHE C 254 34.86 -8.33 5.86
CA PHE C 254 34.80 -8.94 7.18
C PHE C 254 36.18 -9.06 7.85
N ALA C 255 37.17 -8.29 7.39
CA ALA C 255 38.53 -8.37 7.96
C ALA C 255 38.73 -7.44 9.16
N SER C 256 38.02 -7.75 10.24
CA SER C 256 38.08 -6.96 11.47
C SER C 256 39.47 -7.00 12.10
N TRP C 257 40.21 -8.07 11.81
CA TRP C 257 41.57 -8.25 12.30
C TRP C 257 42.48 -7.14 11.79
N ARG C 258 42.18 -6.57 10.62
CA ARG C 258 42.97 -5.48 10.07
C ARG C 258 42.83 -4.19 10.87
N VAL C 259 41.68 -4.00 11.51
CA VAL C 259 41.46 -2.81 12.31
C VAL C 259 42.18 -3.00 13.64
N VAL C 260 42.01 -4.18 14.23
CA VAL C 260 42.61 -4.51 15.50
C VAL C 260 44.13 -4.65 15.41
N LEU C 261 44.62 -5.34 14.38
CA LEU C 261 46.06 -5.62 14.27
C LEU C 261 46.90 -4.88 13.22
N GLU C 262 46.29 -4.09 12.35
CA GLU C 262 47.07 -3.38 11.33
C GLU C 262 46.99 -1.86 11.40
N GLY C 263 46.99 -1.30 12.61
CA GLY C 263 47.03 0.14 12.78
C GLY C 263 45.79 0.93 13.15
N GLY C 264 44.69 0.24 13.46
CA GLY C 264 43.47 0.94 13.88
C GLY C 264 42.80 1.76 12.77
N ILE C 265 42.01 2.76 13.16
CA ILE C 265 41.20 3.51 12.16
C ILE C 265 41.84 4.71 11.48
N ASP C 266 42.91 5.29 12.03
CA ASP C 266 43.51 6.48 11.40
C ASP C 266 43.99 6.29 9.96
N PRO C 267 44.78 5.23 9.68
CA PRO C 267 45.26 5.11 8.30
C PRO C 267 44.14 4.90 7.29
N ILE C 268 43.03 4.32 7.74
CA ILE C 268 41.86 4.06 6.90
C ILE C 268 41.10 5.35 6.58
N LEU C 269 40.79 6.12 7.61
CA LEU C 269 40.10 7.42 7.45
C LEU C 269 40.90 8.37 6.53
N ARG C 270 42.24 8.37 6.68
CA ARG C 270 43.10 9.19 5.85
C ARG C 270 43.00 8.71 4.40
N GLY C 271 42.91 7.39 4.19
CA GLY C 271 42.74 6.84 2.86
C GLY C 271 41.43 7.31 2.24
N LEU C 272 40.37 7.31 3.04
CA LEU C 272 39.06 7.76 2.55
C LEU C 272 39.02 9.23 2.11
N MET C 273 39.66 10.10 2.86
CA MET C 273 39.68 11.51 2.54
C MET C 273 40.55 11.89 1.35
N ALA C 274 41.67 11.18 1.18
CA ALA C 274 42.70 11.53 0.20
C ALA C 274 42.78 10.66 -1.06
N THR C 275 41.78 9.81 -1.28
CA THR C 275 41.73 8.98 -2.47
C THR C 275 40.43 9.28 -3.16
N PRO C 276 40.47 9.46 -4.49
CA PRO C 276 39.23 9.73 -5.22
C PRO C 276 38.34 8.49 -5.24
N ALA C 277 37.03 8.72 -5.29
CA ALA C 277 36.10 7.63 -5.48
C ALA C 277 36.22 7.26 -6.96
N LYS C 278 35.67 6.11 -7.33
CA LYS C 278 35.58 5.71 -8.71
C LYS C 278 34.42 6.48 -9.32
N LEU C 279 34.57 6.88 -10.58
CA LEU C 279 33.52 7.56 -11.30
C LEU C 279 32.66 6.54 -12.07
N ASN C 280 31.34 6.70 -12.00
CA ASN C 280 30.42 5.85 -12.76
C ASN C 280 30.37 6.34 -14.21
N ARG C 281 30.79 5.49 -15.15
CA ARG C 281 30.73 5.79 -16.58
C ARG C 281 29.97 4.66 -17.25
N GLN C 282 29.32 4.97 -18.37
CA GLN C 282 28.47 4.03 -19.08
C GLN C 282 29.12 2.73 -19.53
N ASN C 283 30.45 2.74 -19.69
CA ASN C 283 31.22 1.54 -20.04
C ASN C 283 32.24 1.17 -18.93
N GLN C 284 32.05 1.72 -17.73
CA GLN C 284 32.86 1.45 -16.53
C GLN C 284 31.92 1.51 -15.31
N ILE C 285 30.94 0.60 -15.27
CA ILE C 285 29.89 0.59 -14.22
C ILE C 285 30.33 0.11 -12.83
N ALA C 286 30.80 -1.13 -12.71
CA ALA C 286 31.27 -1.64 -11.41
C ALA C 286 32.46 -2.59 -11.56
N VAL C 287 33.41 -2.50 -10.62
CA VAL C 287 34.67 -3.29 -10.66
C VAL C 287 34.55 -4.78 -10.34
N ASP C 288 35.47 -5.57 -10.90
CA ASP C 288 35.49 -6.99 -10.65
C ASP C 288 35.73 -7.40 -9.19
N GLU C 289 36.32 -6.52 -8.36
CA GLU C 289 36.51 -6.88 -6.93
C GLU C 289 35.14 -7.15 -6.28
N ILE C 290 34.10 -6.47 -6.73
CA ILE C 290 32.76 -6.78 -6.24
C ILE C 290 31.94 -7.64 -7.21
N ARG C 291 32.34 -7.65 -8.49
CA ARG C 291 31.60 -8.36 -9.56
C ARG C 291 31.98 -9.85 -9.70
N GLU C 292 33.22 -10.17 -9.34
CA GLU C 292 33.74 -11.54 -9.43
C GLU C 292 34.17 -12.08 -8.07
N ARG C 293 34.68 -11.20 -7.21
CA ARG C 293 35.34 -11.63 -5.94
C ARG C 293 34.70 -11.17 -4.63
N LEU C 294 33.43 -10.78 -4.66
CA LEU C 294 32.73 -10.34 -3.45
C LEU C 294 32.71 -11.49 -2.43
N PHE C 295 33.16 -11.19 -1.21
CA PHE C 295 33.23 -12.15 -0.08
C PHE C 295 34.01 -13.42 -0.44
N GLU C 296 35.05 -13.24 -1.23
CA GLU C 296 35.90 -14.33 -1.67
C GLU C 296 36.38 -15.25 -0.53
N GLN C 297 36.82 -14.63 0.58
CA GLN C 297 37.36 -15.37 1.73
C GLN C 297 36.35 -16.08 2.63
N VAL C 298 35.06 -15.74 2.55
CA VAL C 298 34.09 -16.35 3.46
C VAL C 298 32.96 -17.15 2.76
N MET C 299 33.07 -17.34 1.45
CA MET C 299 32.05 -18.06 0.66
C MET C 299 32.72 -19.17 -0.18
N ARG C 300 31.93 -20.14 -0.66
CA ARG C 300 32.46 -21.23 -1.50
C ARG C 300 33.09 -20.73 -2.83
N ILE C 301 32.57 -19.60 -3.33
CA ILE C 301 33.05 -18.92 -4.54
C ILE C 301 32.76 -17.42 -4.37
N GLY C 302 33.39 -16.59 -5.20
CA GLY C 302 33.13 -15.17 -5.14
C GLY C 302 31.74 -14.87 -5.67
N LEU C 303 31.08 -13.89 -5.05
CA LEU C 303 29.76 -13.46 -5.49
C LEU C 303 29.91 -12.26 -6.44
N ASP C 304 28.80 -11.90 -7.08
CA ASP C 304 28.72 -10.82 -8.04
C ASP C 304 27.65 -9.87 -7.54
N LEU C 305 28.07 -8.76 -6.95
CA LEU C 305 27.15 -7.79 -6.36
C LEU C 305 26.14 -7.20 -7.33
N PRO C 306 26.60 -6.66 -8.50
CA PRO C 306 25.61 -6.20 -9.48
C PRO C 306 24.55 -7.27 -9.81
N ALA C 307 24.97 -8.51 -10.04
CA ALA C 307 24.01 -9.60 -10.35
C ALA C 307 23.05 -9.86 -9.18
N LEU C 308 23.58 -9.84 -7.95
CA LEU C 308 22.74 -9.99 -6.75
C LEU C 308 21.69 -8.87 -6.66
N ASN C 309 22.11 -7.63 -6.96
CA ASN C 309 21.20 -6.48 -6.96
C ASN C 309 20.01 -6.72 -7.90
N MET C 310 20.30 -7.25 -9.09
CA MET C 310 19.26 -7.54 -10.07
C MET C 310 18.41 -8.74 -9.64
N GLN C 311 19.02 -9.78 -9.13
CA GLN C 311 18.23 -10.92 -8.64
C GLN C 311 17.32 -10.47 -7.47
N ARG C 312 17.83 -9.58 -6.62
CA ARG C 312 17.09 -9.08 -5.45
C ARG C 312 15.85 -8.30 -5.87
N SER C 313 15.97 -7.46 -6.89
CA SER C 313 14.79 -6.70 -7.38
C SER C 313 13.67 -7.66 -7.83
N ARG C 314 14.05 -8.83 -8.37
CA ARG C 314 13.08 -9.85 -8.80
C ARG C 314 12.48 -10.58 -7.58
N ASP C 315 13.35 -10.93 -6.65
CA ASP C 315 12.94 -11.50 -5.36
C ASP C 315 11.84 -10.63 -4.71
N HIS C 316 11.98 -9.30 -4.85
CA HIS C 316 11.06 -8.31 -4.26
C HIS C 316 9.87 -7.92 -5.16
N GLY C 317 9.76 -8.54 -6.33
CA GLY C 317 8.67 -8.23 -7.26
C GLY C 317 8.65 -6.78 -7.70
N LEU C 318 9.82 -6.19 -7.90
CA LEU C 318 9.85 -4.79 -8.34
C LEU C 318 9.50 -4.66 -9.82
N PRO C 319 8.68 -3.64 -10.16
CA PRO C 319 8.41 -3.34 -11.56
C PRO C 319 9.70 -2.97 -12.32
N GLY C 320 9.62 -2.99 -13.64
CA GLY C 320 10.78 -2.69 -14.48
C GLY C 320 11.03 -1.20 -14.67
N TYR C 321 12.00 -0.90 -15.53
CA TYR C 321 12.47 0.47 -15.79
C TYR C 321 11.40 1.48 -16.20
N ASN C 322 10.63 1.16 -17.23
CA ASN C 322 9.59 2.06 -17.70
C ASN C 322 8.50 2.36 -16.68
N ALA C 323 8.13 1.36 -15.87
CA ALA C 323 7.13 1.56 -14.83
C ALA C 323 7.61 2.61 -13.82
N TRP C 324 8.89 2.54 -13.48
CA TRP C 324 9.48 3.50 -12.55
C TRP C 324 9.64 4.86 -13.24
N ARG C 325 9.96 4.86 -14.54
CA ARG C 325 10.00 6.10 -15.32
C ARG C 325 8.62 6.76 -15.29
N ARG C 326 7.58 5.98 -15.54
CA ARG C 326 6.21 6.47 -15.55
C ARG C 326 5.82 7.00 -14.17
N PHE C 327 6.18 6.27 -13.12
CA PHE C 327 5.90 6.68 -11.74
C PHE C 327 6.58 8.02 -11.42
N CYS C 328 7.77 8.23 -11.96
CA CYS C 328 8.53 9.46 -11.76
C CYS C 328 8.13 10.60 -12.72
N GLY C 329 7.16 10.35 -13.61
CA GLY C 329 6.73 11.34 -14.59
C GLY C 329 7.78 11.62 -15.66
N LEU C 330 8.58 10.60 -15.95
CA LEU C 330 9.63 10.67 -16.96
C LEU C 330 9.20 9.86 -18.19
N PRO C 331 9.59 10.33 -19.40
CA PRO C 331 9.24 9.64 -20.65
C PRO C 331 9.71 8.19 -20.63
N GLN C 332 8.89 7.30 -21.18
CA GLN C 332 9.18 5.86 -21.24
C GLN C 332 9.62 5.43 -22.65
N PRO C 333 10.93 5.17 -22.85
CA PRO C 333 11.40 4.77 -24.18
C PRO C 333 10.91 3.34 -24.52
N GLU C 334 10.43 3.16 -25.75
CA GLU C 334 9.86 1.87 -26.18
C GLU C 334 10.73 1.16 -27.21
N THR C 335 11.56 1.91 -27.93
CA THR C 335 12.41 1.34 -28.96
C THR C 335 13.87 1.54 -28.60
N VAL C 336 14.76 0.85 -29.32
CA VAL C 336 16.19 0.99 -29.08
C VAL C 336 16.64 2.44 -29.35
N GLY C 337 16.06 3.06 -30.38
CA GLY C 337 16.40 4.45 -30.73
C GLY C 337 16.04 5.42 -29.60
N GLN C 338 14.83 5.27 -29.07
CA GLN C 338 14.36 6.14 -27.98
C GLN C 338 15.22 5.93 -26.74
N LEU C 339 15.61 4.68 -26.47
CA LEU C 339 16.47 4.35 -25.34
C LEU C 339 17.86 4.97 -25.55
N GLY C 340 18.31 4.99 -26.80
CA GLY C 340 19.59 5.61 -27.16
C GLY C 340 19.62 7.10 -26.81
N THR C 341 18.53 7.80 -27.13
CA THR C 341 18.35 9.22 -26.81
C THR C 341 18.28 9.47 -25.30
N VAL C 342 17.49 8.67 -24.59
CA VAL C 342 17.36 8.80 -23.13
C VAL C 342 18.72 8.64 -22.45
N LEU C 343 19.47 7.63 -22.89
CA LEU C 343 20.80 7.38 -22.35
C LEU C 343 21.90 8.17 -23.02
N ARG C 344 21.59 8.88 -24.10
CA ARG C 344 22.61 9.61 -24.89
C ARG C 344 23.79 8.66 -25.18
N ASN C 345 23.45 7.42 -25.54
CA ASN C 345 24.41 6.35 -25.78
C ASN C 345 23.65 5.20 -26.43
N LEU C 346 23.64 5.20 -27.76
CA LEU C 346 22.94 4.19 -28.53
C LEU C 346 23.57 2.81 -28.37
N LYS C 347 24.89 2.76 -28.26
CA LYS C 347 25.64 1.52 -28.10
C LYS C 347 25.16 0.77 -26.83
N LEU C 348 25.13 1.48 -25.70
CA LEU C 348 24.61 0.90 -24.46
C LEU C 348 23.14 0.47 -24.62
N ALA C 349 22.35 1.28 -25.32
CA ALA C 349 20.95 0.96 -25.55
C ALA C 349 20.82 -0.37 -26.28
N ARG C 350 21.65 -0.57 -27.30
CA ARG C 350 21.66 -1.82 -28.06
C ARG C 350 22.00 -3.01 -27.18
N LYS C 351 23.00 -2.86 -26.33
CA LYS C 351 23.40 -3.92 -25.42
C LYS C 351 22.26 -4.28 -24.46
N LEU C 352 21.60 -3.28 -23.91
CA LEU C 352 20.47 -3.49 -22.98
C LEU C 352 19.31 -4.25 -23.63
N MET C 353 18.99 -3.89 -24.88
CA MET C 353 17.94 -4.54 -25.64
C MET C 353 18.29 -5.97 -25.99
N GLU C 354 19.55 -6.23 -26.33
CA GLU C 354 20.02 -7.57 -26.61
C GLU C 354 19.83 -8.48 -25.36
N GLN C 355 20.05 -7.92 -24.16
CA GLN C 355 19.89 -8.68 -22.92
C GLN C 355 18.44 -8.81 -22.46
N TYR C 356 17.71 -7.68 -22.46
CA TYR C 356 16.34 -7.65 -21.93
C TYR C 356 15.18 -7.76 -22.92
N GLY C 357 15.43 -7.49 -24.21
CA GLY C 357 14.37 -7.55 -25.22
C GLY C 357 13.46 -6.34 -25.25
N THR C 358 13.02 -5.90 -24.08
CA THR C 358 12.14 -4.74 -23.96
C THR C 358 12.59 -3.83 -22.81
N PRO C 359 12.45 -2.50 -22.95
CA PRO C 359 12.85 -1.61 -21.87
C PRO C 359 11.92 -1.72 -20.69
N ASN C 360 10.78 -2.38 -20.87
CA ASN C 360 9.83 -2.61 -19.78
C ASN C 360 10.39 -3.59 -18.74
N ASN C 361 11.33 -4.44 -19.17
CA ASN C 361 11.91 -5.50 -18.31
C ASN C 361 13.29 -5.20 -17.71
N ILE C 362 13.87 -4.05 -18.06
CA ILE C 362 15.16 -3.67 -17.49
C ILE C 362 15.01 -3.54 -15.97
N ASP C 363 15.85 -4.27 -15.24
CA ASP C 363 15.85 -4.23 -13.77
C ASP C 363 16.15 -2.80 -13.31
N ILE C 364 15.47 -2.37 -12.25
CA ILE C 364 15.59 -0.99 -11.76
C ILE C 364 17.04 -0.51 -11.51
N TRP C 365 17.86 -1.35 -10.88
CA TRP C 365 19.25 -0.95 -10.61
C TRP C 365 20.03 -0.73 -11.90
N MET C 366 19.90 -1.67 -12.84
CA MET C 366 20.65 -1.65 -14.12
C MET C 366 20.30 -0.43 -14.95
N GLY C 367 19.00 -0.20 -15.17
CA GLY C 367 18.54 0.98 -15.89
C GLY C 367 18.98 2.24 -15.17
N GLY C 368 18.74 2.30 -13.86
CA GLY C 368 19.08 3.46 -13.05
C GLY C 368 20.53 3.92 -13.16
N VAL C 369 21.47 2.98 -13.01
CA VAL C 369 22.90 3.32 -13.06
C VAL C 369 23.38 3.50 -14.51
N SER C 370 22.55 3.12 -15.48
CA SER C 370 22.91 3.29 -16.89
C SER C 370 22.72 4.72 -17.36
N GLU C 371 21.77 5.43 -16.76
CA GLU C 371 21.47 6.80 -17.15
C GLU C 371 22.64 7.77 -16.99
N PRO C 372 22.79 8.75 -17.94
CA PRO C 372 23.84 9.74 -17.83
C PRO C 372 23.63 10.57 -16.56
N LEU C 373 24.73 10.96 -15.94
CA LEU C 373 24.67 11.64 -14.65
C LEU C 373 24.19 13.08 -14.77
N LYS C 374 23.34 13.50 -13.84
CA LYS C 374 22.86 14.88 -13.81
C LYS C 374 24.06 15.80 -13.46
N ARG C 375 24.02 17.04 -13.97
CA ARG C 375 25.10 18.01 -13.75
C ARG C 375 25.39 18.20 -12.26
N LYS C 376 26.66 18.00 -11.89
CA LYS C 376 27.13 18.12 -10.50
C LYS C 376 26.51 17.08 -9.56
N GLY C 377 25.95 16.03 -10.15
CA GLY C 377 25.37 14.92 -9.39
C GLY C 377 26.00 13.60 -9.82
N ARG C 378 25.68 12.52 -9.11
CA ARG C 378 26.25 11.23 -9.47
C ARG C 378 25.18 10.16 -9.78
N VAL C 379 23.95 10.63 -10.05
CA VAL C 379 22.83 9.78 -10.51
C VAL C 379 22.12 10.47 -11.67
N GLY C 380 21.36 9.69 -12.45
CA GLY C 380 20.55 10.23 -13.53
C GLY C 380 19.16 10.57 -13.01
N PRO C 381 18.27 11.02 -13.90
CA PRO C 381 16.89 11.44 -13.57
C PRO C 381 16.05 10.43 -12.79
N LEU C 382 16.05 9.16 -13.19
CA LEU C 382 15.27 8.16 -12.48
C LEU C 382 15.75 7.99 -11.01
N LEU C 383 17.03 7.70 -10.81
CA LEU C 383 17.54 7.54 -9.45
C LEU C 383 17.39 8.81 -8.62
N ALA C 384 17.59 9.98 -9.24
CA ALA C 384 17.41 11.25 -8.52
C ALA C 384 16.00 11.39 -7.95
N CYS C 385 15.02 10.96 -8.73
CA CYS C 385 13.60 11.02 -8.33
C CYS C 385 13.30 10.08 -7.15
N ILE C 386 13.67 8.81 -7.31
CA ILE C 386 13.44 7.81 -6.26
C ILE C 386 14.16 8.20 -4.96
N ILE C 387 15.44 8.56 -5.08
CA ILE C 387 16.24 8.94 -3.92
C ILE C 387 15.77 10.24 -3.27
N GLY C 388 15.55 11.27 -4.10
CA GLY C 388 15.10 12.57 -3.61
C GLY C 388 13.75 12.48 -2.94
N THR C 389 12.84 11.70 -3.54
CA THR C 389 11.49 11.49 -2.96
C THR C 389 11.55 10.79 -1.60
N GLN C 390 12.38 9.76 -1.49
CA GLN C 390 12.52 9.03 -0.22
C GLN C 390 13.00 9.93 0.91
N PHE C 391 14.08 10.64 0.65
CA PHE C 391 14.67 11.55 1.65
C PHE C 391 13.77 12.73 2.05
N ARG C 392 12.89 13.16 1.15
CA ARG C 392 11.94 14.22 1.52
C ARG C 392 10.94 13.68 2.56
N LYS C 393 10.49 12.45 2.35
CA LYS C 393 9.55 11.78 3.26
C LYS C 393 10.16 11.51 4.63
N LEU C 394 11.45 11.17 4.65
CA LEU C 394 12.19 10.91 5.89
C LEU C 394 12.41 12.20 6.69
N ARG C 395 12.47 13.34 6.00
CA ARG C 395 12.64 14.65 6.66
C ARG C 395 11.31 15.26 7.10
N ASP C 396 10.35 15.35 6.17
CA ASP C 396 9.01 15.94 6.46
C ASP C 396 8.14 15.08 7.41
N GLY C 397 8.40 13.77 7.41
CA GLY C 397 7.65 12.85 8.25
C GLY C 397 8.29 12.45 9.56
N ASP C 398 9.40 13.11 9.91
CA ASP C 398 10.13 12.84 11.15
C ASP C 398 9.80 13.91 12.19
N ARG C 399 9.09 13.49 13.25
CA ARG C 399 8.69 14.38 14.34
C ARG C 399 9.91 14.86 15.15
N PHE C 400 10.99 14.09 15.07
CA PHE C 400 12.22 14.44 15.76
C PHE C 400 13.29 14.99 14.81
N TRP C 401 12.89 15.45 13.63
CA TRP C 401 13.81 16.11 12.69
C TRP C 401 14.45 17.28 13.45
N TRP C 402 15.74 17.53 13.23
CA TRP C 402 16.45 18.52 14.07
C TRP C 402 15.90 19.93 14.06
N GLU C 403 15.26 20.29 12.95
CA GLU C 403 14.67 21.62 12.79
C GLU C 403 13.20 21.70 13.20
N ASN C 404 12.59 20.57 13.55
CA ASN C 404 11.19 20.61 14.01
C ASN C 404 11.13 21.40 15.31
N GLU C 405 10.12 22.26 15.42
CA GLU C 405 9.88 23.08 16.60
C GLU C 405 9.80 22.21 17.87
N GLY C 406 10.52 22.63 18.91
CA GLY C 406 10.51 21.91 20.21
C GLY C 406 11.52 20.79 20.38
N VAL C 407 12.20 20.38 19.31
CA VAL C 407 13.19 19.30 19.42
C VAL C 407 14.48 19.88 20.05
N PHE C 408 14.98 20.97 19.48
CA PHE C 408 16.12 21.68 20.01
C PHE C 408 15.72 23.15 20.26
N SER C 409 16.46 23.84 21.13
CA SER C 409 16.24 25.27 21.34
C SER C 409 16.82 26.01 20.14
N MET C 410 16.46 27.28 19.98
CA MET C 410 17.03 28.10 18.90
C MET C 410 18.56 28.10 18.98
N GLN C 411 19.09 28.28 20.19
CA GLN C 411 20.55 28.29 20.41
C GLN C 411 21.25 26.95 20.14
N GLN C 412 20.59 25.85 20.47
CA GLN C 412 21.12 24.53 20.15
C GLN C 412 21.20 24.36 18.63
N ARG C 413 20.18 24.82 17.89
CA ARG C 413 20.22 24.72 16.42
C ARG C 413 21.36 25.53 15.81
N GLN C 414 21.56 26.73 16.31
CA GLN C 414 22.65 27.59 15.85
C GLN C 414 24.00 26.89 16.06
N ALA C 415 24.18 26.25 17.21
CA ALA C 415 25.42 25.51 17.50
C ALA C 415 25.57 24.29 16.60
N LEU C 416 24.50 23.51 16.43
CA LEU C 416 24.54 22.32 15.54
C LEU C 416 24.91 22.64 14.09
N ALA C 417 24.52 23.81 13.60
CA ALA C 417 24.84 24.18 12.20
C ALA C 417 26.35 24.33 11.91
N GLN C 418 27.18 24.39 12.94
CA GLN C 418 28.64 24.51 12.73
C GLN C 418 29.35 23.14 12.64
N ILE C 419 28.64 22.04 12.93
CA ILE C 419 29.28 20.72 12.90
C ILE C 419 29.70 20.31 11.49
N SER C 420 30.69 19.42 11.39
CA SER C 420 31.14 18.91 10.11
C SER C 420 31.88 17.59 10.36
N LEU C 421 31.90 16.72 9.36
CA LEU C 421 32.60 15.45 9.48
C LEU C 421 34.13 15.64 9.73
N PRO C 422 34.79 16.57 9.01
CA PRO C 422 36.22 16.76 9.30
C PRO C 422 36.50 17.10 10.78
N ARG C 423 35.62 17.89 11.41
CA ARG C 423 35.78 18.23 12.84
C ARG C 423 35.56 17.03 13.75
N ILE C 424 34.57 16.19 13.44
CA ILE C 424 34.32 14.97 14.23
C ILE C 424 35.54 14.04 14.18
N ILE C 425 36.16 13.97 13.00
CA ILE C 425 37.37 13.18 12.78
C ILE C 425 38.50 13.73 13.67
N CYS C 426 38.67 15.05 13.69
CA CYS C 426 39.71 15.69 14.52
C CYS C 426 39.57 15.43 16.00
N ASP C 427 38.33 15.40 16.49
CA ASP C 427 38.04 15.21 17.92
C ASP C 427 38.14 13.78 18.43
N ASN C 428 38.09 12.80 17.54
CA ASN C 428 38.02 11.41 17.96
C ASN C 428 39.10 10.48 17.45
N THR C 429 40.15 11.05 16.87
CA THR C 429 41.25 10.29 16.29
C THR C 429 42.59 11.00 16.52
N GLY C 430 43.68 10.39 16.03
CA GLY C 430 45.01 10.99 16.10
C GLY C 430 45.37 11.76 14.83
N ILE C 431 44.36 12.01 13.99
CA ILE C 431 44.55 12.75 12.72
C ILE C 431 44.49 14.24 13.06
N THR C 432 45.46 15.00 12.53
CA THR C 432 45.57 16.45 12.83
C THR C 432 45.48 17.33 11.57
N THR C 433 45.45 16.67 10.41
CA THR C 433 45.30 17.31 9.12
C THR C 433 44.11 16.62 8.42
N VAL C 434 43.10 17.40 8.03
CA VAL C 434 41.89 16.85 7.42
C VAL C 434 41.46 17.62 6.18
N SER C 435 40.56 17.03 5.41
CA SER C 435 40.07 17.67 4.20
C SER C 435 39.15 18.86 4.47
N LYS C 436 39.22 19.85 3.56
CA LYS C 436 38.39 21.05 3.61
C LYS C 436 36.97 20.71 3.19
N ASN C 437 35.99 21.49 3.67
CA ASN C 437 34.58 21.33 3.26
C ASN C 437 34.54 21.72 1.79
N ASN C 438 33.84 20.95 0.94
CA ASN C 438 33.05 19.77 1.30
C ASN C 438 33.94 18.51 1.32
N ILE C 439 33.96 17.82 2.45
CA ILE C 439 34.73 16.58 2.59
C ILE C 439 34.44 15.56 1.47
N PHE C 440 33.20 15.53 0.99
CA PHE C 440 32.80 14.57 -0.06
C PHE C 440 33.34 14.96 -1.44
N MET C 441 33.78 16.21 -1.55
CA MET C 441 34.36 16.71 -2.77
C MET C 441 35.90 16.71 -2.74
N SER C 442 36.48 17.24 -1.66
CA SER C 442 37.94 17.28 -1.48
C SER C 442 38.51 15.86 -1.53
N ASN C 443 39.61 15.67 -2.26
CA ASN C 443 40.21 14.33 -2.39
C ASN C 443 41.71 14.28 -2.70
N SER C 444 42.37 15.44 -2.69
CA SER C 444 43.78 15.51 -3.05
C SER C 444 44.66 16.20 -2.01
N TYR C 445 45.58 15.43 -1.44
CA TYR C 445 46.54 15.93 -0.47
C TYR C 445 47.76 16.48 -1.19
N PRO C 446 48.26 17.67 -0.78
CA PRO C 446 47.78 18.53 0.31
C PRO C 446 46.87 19.69 -0.13
N ARG C 447 46.61 19.83 -1.42
CA ARG C 447 45.78 20.89 -1.99
C ARG C 447 44.46 21.14 -1.26
N ASP C 448 43.71 20.07 -1.01
CA ASP C 448 42.37 20.12 -0.42
C ASP C 448 42.35 19.86 1.09
N PHE C 449 43.47 20.13 1.77
CA PHE C 449 43.58 19.82 3.20
C PHE C 449 44.03 20.99 4.09
N VAL C 450 43.59 20.95 5.35
CA VAL C 450 43.91 21.97 6.36
C VAL C 450 44.18 21.30 7.72
N ASN C 451 44.85 22.04 8.61
CA ASN C 451 45.12 21.59 9.97
C ASN C 451 43.83 21.60 10.75
N CYS C 452 43.66 20.61 11.62
CA CYS C 452 42.51 20.51 12.49
C CYS C 452 42.27 21.78 13.29
N SER C 453 43.36 22.43 13.69
CA SER C 453 43.31 23.66 14.50
C SER C 453 42.59 24.87 13.88
N THR C 454 42.33 24.83 12.56
CA THR C 454 41.59 25.91 11.89
C THR C 454 40.08 25.70 11.98
N LEU C 455 39.67 24.58 12.58
CA LEU C 455 38.26 24.24 12.69
C LEU C 455 37.71 24.39 14.11
N PRO C 456 36.64 25.19 14.27
CA PRO C 456 36.05 25.38 15.61
C PRO C 456 35.27 24.13 16.08
N ALA C 457 35.36 23.83 17.37
CA ALA C 457 34.64 22.70 17.96
C ALA C 457 33.15 23.02 18.12
N LEU C 458 32.35 21.98 18.33
CA LEU C 458 30.93 22.16 18.62
C LEU C 458 30.84 22.80 20.00
N ASN C 459 30.27 24.00 20.08
CA ASN C 459 30.07 24.72 21.33
C ASN C 459 28.79 24.18 22.00
N LEU C 460 28.97 23.46 23.10
CA LEU C 460 27.87 22.86 23.87
C LEU C 460 27.29 23.71 25.01
N ALA C 461 27.72 24.95 25.16
CA ALA C 461 27.18 25.83 26.23
C ALA C 461 25.64 25.86 26.34
N SER C 462 24.92 25.80 25.22
CA SER C 462 23.45 25.86 25.27
C SER C 462 22.74 24.59 25.76
N TRP C 463 23.50 23.55 26.10
CA TRP C 463 22.93 22.31 26.69
C TRP C 463 22.96 22.36 28.23
N ARG C 464 23.64 23.38 28.77
CA ARG C 464 23.69 23.62 30.22
C ARG C 464 22.27 23.91 30.71
N GLU C 465 21.77 23.06 31.61
CA GLU C 465 20.43 23.24 32.18
C GLU C 465 20.49 24.37 33.19
N ALA C 466 19.75 25.44 32.90
CA ALA C 466 19.71 26.63 33.75
C ALA C 466 19.05 26.36 35.12
N VAL D 1 -16.04 -17.74 21.80
CA VAL D 1 -17.08 -16.71 22.10
C VAL D 1 -18.02 -16.52 20.90
N ASN D 2 -19.31 -16.79 21.11
CA ASN D 2 -20.34 -16.67 20.09
C ASN D 2 -20.84 -15.22 20.01
N CYS D 3 -20.36 -14.49 19.01
CA CYS D 3 -20.69 -13.07 18.84
C CYS D 3 -22.20 -12.78 18.72
N GLU D 4 -22.98 -13.77 18.29
CA GLU D 4 -24.42 -13.58 18.16
C GLU D 4 -25.19 -13.65 19.49
N THR D 5 -24.72 -14.47 20.43
CA THR D 5 -25.43 -14.66 21.69
C THR D 5 -24.74 -14.06 22.92
N SER D 6 -23.43 -13.84 22.81
CA SER D 6 -22.66 -13.30 23.93
C SER D 6 -22.36 -11.83 23.73
N CYS D 7 -22.15 -11.11 24.83
CA CYS D 7 -21.77 -9.71 24.80
C CYS D 7 -20.33 -9.53 25.31
N VAL D 8 -19.59 -10.63 25.42
CA VAL D 8 -18.21 -10.59 25.88
C VAL D 8 -17.28 -10.08 24.78
N GLN D 9 -16.38 -9.15 25.11
CA GLN D 9 -15.47 -8.61 24.11
C GLN D 9 -14.18 -9.43 23.99
N GLN D 10 -14.22 -10.48 23.18
CA GLN D 10 -13.07 -11.35 22.91
C GLN D 10 -13.07 -11.71 21.41
N PRO D 11 -11.90 -12.00 20.83
CA PRO D 11 -11.84 -12.38 19.41
C PRO D 11 -12.78 -13.54 19.04
N PRO D 12 -13.48 -13.45 17.88
CA PRO D 12 -13.40 -12.37 16.90
C PRO D 12 -14.54 -11.36 17.02
N CYS D 13 -15.03 -11.13 18.23
CA CYS D 13 -16.16 -10.23 18.43
C CYS D 13 -15.72 -8.81 18.84
N PHE D 14 -16.57 -7.84 18.53
CA PHE D 14 -16.35 -6.43 18.90
C PHE D 14 -17.74 -5.82 19.09
N PRO D 15 -18.51 -6.35 20.06
CA PRO D 15 -19.92 -5.95 20.27
C PRO D 15 -20.05 -4.46 20.55
N LEU D 16 -21.18 -3.87 20.14
CA LEU D 16 -21.41 -2.45 20.36
C LEU D 16 -22.09 -2.26 21.69
N LYS D 17 -21.45 -1.46 22.54
CA LYS D 17 -21.98 -1.16 23.87
C LYS D 17 -23.18 -0.22 23.78
N ILE D 18 -24.01 -0.27 24.82
CA ILE D 18 -25.23 0.52 24.89
C ILE D 18 -25.08 1.66 25.88
N PRO D 19 -25.41 2.90 25.45
CA PRO D 19 -25.33 4.07 26.32
C PRO D 19 -26.51 4.11 27.29
N PRO D 20 -26.42 4.95 28.33
CA PRO D 20 -27.56 5.12 29.25
C PRO D 20 -28.73 5.82 28.56
N ASN D 21 -29.95 5.54 28.99
CA ASN D 21 -31.16 6.16 28.44
C ASN D 21 -31.36 5.92 26.95
N ASP D 22 -30.95 4.74 26.47
CA ASP D 22 -31.10 4.35 25.08
C ASP D 22 -32.60 4.29 24.79
N PRO D 23 -33.03 4.78 23.63
CA PRO D 23 -34.49 4.78 23.38
C PRO D 23 -35.13 3.40 23.18
N ARG D 24 -34.32 2.36 23.00
CA ARG D 24 -34.84 1.01 22.75
C ARG D 24 -34.29 -0.05 23.70
N ILE D 25 -32.97 -0.06 23.86
CA ILE D 25 -32.29 -1.07 24.67
C ILE D 25 -32.04 -0.56 26.09
N LYS D 26 -32.99 -0.89 26.97
CA LYS D 26 -32.99 -0.53 28.38
C LYS D 26 -31.88 -1.14 29.22
N ASN D 27 -31.46 -2.33 28.85
CA ASN D 27 -30.44 -3.06 29.59
C ASN D 27 -29.01 -2.81 29.06
N GLN D 28 -28.24 -2.01 29.80
CA GLN D 28 -26.88 -1.65 29.43
C GLN D 28 -25.87 -2.81 29.40
N ALA D 29 -26.29 -3.98 29.90
CA ALA D 29 -25.42 -5.16 29.86
C ALA D 29 -25.64 -5.92 28.53
N ASP D 30 -26.64 -5.47 27.78
CA ASP D 30 -26.95 -6.06 26.49
C ASP D 30 -26.02 -5.38 25.48
N CYS D 31 -26.10 -5.78 24.22
CA CYS D 31 -25.23 -5.21 23.21
C CYS D 31 -25.79 -5.46 21.83
N ILE D 32 -25.19 -4.81 20.85
CA ILE D 32 -25.53 -5.08 19.47
C ILE D 32 -24.39 -5.98 18.97
N PRO D 33 -24.72 -7.20 18.53
CA PRO D 33 -23.71 -8.17 18.08
C PRO D 33 -22.87 -7.66 16.91
N PHE D 34 -21.57 -8.00 16.91
CA PHE D 34 -20.63 -7.56 15.87
C PHE D 34 -19.44 -8.52 15.73
N PHE D 35 -19.15 -8.94 14.49
CA PHE D 35 -18.01 -9.82 14.19
C PHE D 35 -16.94 -9.02 13.46
N ARG D 36 -15.70 -8.99 13.96
CA ARG D 36 -14.64 -8.30 13.24
C ARG D 36 -14.44 -8.92 11.85
N SER D 37 -14.12 -8.08 10.86
CA SER D 37 -13.86 -8.58 9.50
C SER D 37 -12.60 -9.45 9.54
N PRO D 39 -9.04 -11.01 9.05
CA PRO D 39 -7.77 -10.37 8.68
C PRO D 39 -7.12 -11.07 7.48
N ALA D 40 -6.41 -10.30 6.66
CA ALA D 40 -5.65 -10.85 5.54
C ALA D 40 -4.50 -11.72 6.06
N CYS D 41 -3.86 -11.27 7.14
CA CYS D 41 -2.78 -12.07 7.73
C CYS D 41 -3.06 -12.39 9.21
N PRO D 42 -3.78 -13.49 9.48
CA PRO D 42 -4.16 -13.87 10.87
C PRO D 42 -3.00 -14.12 11.82
N GLY D 43 -3.08 -13.53 13.01
CA GLY D 43 -2.08 -13.69 14.07
C GLY D 43 -0.70 -13.11 13.80
N SER D 44 -0.61 -12.10 12.95
CA SER D 44 0.68 -11.51 12.65
C SER D 44 1.12 -10.43 13.63
N ASN D 45 2.40 -10.49 13.95
CA ASN D 45 3.07 -9.50 14.81
C ASN D 45 3.86 -8.55 13.92
N ILE D 46 3.72 -8.71 12.60
CA ILE D 46 4.44 -7.87 11.64
C ILE D 46 3.55 -6.97 10.77
N THR D 47 2.56 -7.55 10.12
CA THR D 47 1.72 -6.77 9.22
C THR D 47 0.72 -5.90 9.95
N ILE D 48 0.36 -4.79 9.32
CA ILE D 48 -0.68 -3.91 9.83
C ILE D 48 -1.98 -4.55 9.30
N ARG D 49 -2.85 -4.94 10.22
CA ARG D 49 -4.10 -5.63 9.89
C ARG D 49 -4.89 -4.97 8.75
N ASN D 50 -5.24 -5.78 7.75
CA ASN D 50 -6.01 -5.35 6.63
C ASN D 50 -7.15 -6.37 6.44
N GLN D 51 -8.17 -5.98 5.69
CA GLN D 51 -9.34 -6.85 5.45
C GLN D 51 -9.36 -7.32 3.99
N ILE D 52 -10.21 -8.31 3.73
CA ILE D 52 -10.27 -8.99 2.43
C ILE D 52 -11.50 -8.65 1.57
N ASN D 53 -11.30 -8.58 0.25
CA ASN D 53 -12.44 -8.41 -0.65
C ASN D 53 -12.69 -9.76 -1.28
N ALA D 54 -13.83 -10.39 -0.97
CA ALA D 54 -14.15 -11.72 -1.51
C ALA D 54 -14.64 -11.71 -2.97
N LEU D 55 -14.78 -10.52 -3.56
CA LEU D 55 -15.33 -10.39 -4.93
C LEU D 55 -14.37 -9.73 -5.92
N THR D 56 -14.69 -9.79 -7.21
CA THR D 56 -13.87 -9.09 -8.20
C THR D 56 -14.25 -7.62 -8.11
N SER D 57 -13.25 -6.75 -8.06
CA SER D 57 -13.51 -5.32 -7.94
C SER D 57 -14.14 -4.75 -9.22
N PHE D 58 -13.89 -5.40 -10.37
CA PHE D 58 -14.38 -4.93 -11.65
C PHE D 58 -15.91 -4.88 -11.74
N VAL D 59 -16.41 -3.97 -12.57
CA VAL D 59 -17.84 -3.86 -12.81
C VAL D 59 -18.04 -4.88 -13.92
N ASP D 60 -18.25 -6.14 -13.51
CA ASP D 60 -18.33 -7.28 -14.42
C ASP D 60 -19.52 -8.20 -14.13
N ALA D 61 -20.51 -7.67 -13.42
CA ALA D 61 -21.70 -8.46 -13.05
C ALA D 61 -21.36 -9.74 -12.28
N SER D 62 -20.32 -9.69 -11.44
CA SER D 62 -19.95 -10.86 -10.62
C SER D 62 -21.04 -11.24 -9.60
N MET D 63 -21.99 -10.32 -9.34
CA MET D 63 -23.11 -10.62 -8.43
C MET D 63 -24.10 -11.58 -9.10
N VAL D 64 -23.98 -11.70 -10.41
CA VAL D 64 -24.81 -12.60 -11.19
C VAL D 64 -24.05 -13.93 -11.41
N TYR D 65 -22.78 -13.83 -11.79
CA TYR D 65 -21.98 -15.01 -12.17
C TYR D 65 -21.09 -15.67 -11.10
N GLY D 66 -20.85 -14.96 -9.99
CA GLY D 66 -19.96 -15.45 -8.96
C GLY D 66 -18.52 -14.95 -9.16
N SER D 67 -17.72 -15.01 -8.09
CA SER D 67 -16.30 -14.59 -8.12
C SER D 67 -15.29 -15.73 -7.87
N GLU D 68 -15.79 -16.96 -7.72
CA GLU D 68 -14.95 -18.14 -7.47
C GLU D 68 -15.44 -19.28 -8.34
N GLU D 69 -14.50 -20.05 -8.86
CA GLU D 69 -14.74 -21.17 -9.81
C GLU D 69 -15.82 -22.19 -9.49
N PRO D 70 -15.84 -22.73 -8.23
CA PRO D 70 -16.87 -23.74 -7.85
C PRO D 70 -18.29 -23.19 -7.95
N LEU D 71 -18.55 -22.07 -7.28
CA LEU D 71 -19.84 -21.39 -7.34
C LEU D 71 -20.25 -21.10 -8.78
N ALA D 72 -19.36 -20.49 -9.56
CA ALA D 72 -19.64 -20.10 -10.94
C ALA D 72 -20.12 -21.27 -11.80
N ARG D 73 -19.54 -22.46 -11.54
CA ARG D 73 -20.00 -23.67 -12.22
C ARG D 73 -21.39 -24.04 -11.76
N ASN D 74 -21.59 -24.08 -10.44
CA ASN D 74 -22.86 -24.45 -9.84
C ASN D 74 -24.05 -23.55 -10.20
N LEU D 75 -23.78 -22.31 -10.60
CA LEU D 75 -24.82 -21.37 -11.00
C LEU D 75 -25.29 -21.58 -12.45
N ARG D 76 -24.58 -22.44 -13.18
CA ARG D 76 -24.87 -22.71 -14.58
C ARG D 76 -25.73 -23.95 -14.81
N ASN D 77 -26.51 -23.93 -15.88
CA ASN D 77 -27.35 -25.06 -16.25
C ASN D 77 -26.47 -25.99 -17.07
N MET D 78 -26.10 -27.11 -16.46
CA MET D 78 -25.25 -28.11 -17.11
C MET D 78 -26.05 -29.31 -17.67
N SER D 79 -27.32 -29.09 -18.01
CA SER D 79 -28.16 -30.16 -18.59
C SER D 79 -28.34 -30.06 -20.11
N ASN D 80 -27.64 -29.13 -20.75
CA ASN D 80 -27.73 -28.90 -22.18
C ASN D 80 -26.63 -27.96 -22.66
N GLN D 81 -26.58 -27.69 -23.96
CA GLN D 81 -25.55 -26.81 -24.53
C GLN D 81 -26.10 -25.42 -24.88
N LEU D 82 -27.05 -24.95 -24.08
CA LEU D 82 -27.67 -23.65 -24.33
C LEU D 82 -26.95 -22.46 -23.68
N GLY D 83 -26.01 -22.73 -22.77
CA GLY D 83 -25.22 -21.69 -22.07
C GLY D 83 -26.03 -20.86 -21.10
N LEU D 84 -27.01 -21.51 -20.46
CA LEU D 84 -27.92 -20.86 -19.52
C LEU D 84 -27.48 -20.94 -18.05
N LEU D 85 -28.04 -20.04 -17.25
CA LEU D 85 -27.83 -20.04 -15.80
C LEU D 85 -28.96 -20.89 -15.23
N ALA D 86 -28.69 -21.65 -14.17
CA ALA D 86 -29.73 -22.48 -13.56
C ALA D 86 -30.88 -21.65 -13.00
N VAL D 87 -32.11 -22.17 -13.11
CA VAL D 87 -33.31 -21.49 -12.59
C VAL D 87 -34.01 -22.35 -11.54
N ASN D 88 -34.88 -21.73 -10.73
CA ASN D 88 -35.61 -22.44 -9.67
C ASN D 88 -36.36 -23.65 -10.23
N GLN D 89 -36.23 -24.78 -9.53
CA GLN D 89 -36.82 -26.06 -9.95
C GLN D 89 -38.18 -26.37 -9.36
N ARG D 90 -38.68 -25.49 -8.48
CA ARG D 90 -39.97 -25.70 -7.82
C ARG D 90 -40.99 -24.60 -8.08
N PHE D 91 -40.51 -23.41 -8.47
CA PHE D 91 -41.41 -22.27 -8.66
C PHE D 91 -41.09 -21.38 -9.86
N GLN D 92 -42.13 -20.70 -10.33
CA GLN D 92 -42.06 -19.73 -11.42
C GLN D 92 -42.93 -18.51 -11.08
N ASP D 93 -42.58 -17.37 -11.66
CA ASP D 93 -43.31 -16.11 -11.49
C ASP D 93 -44.15 -15.91 -12.75
N ASN D 94 -45.43 -16.33 -12.72
CA ASN D 94 -46.32 -16.27 -13.90
C ASN D 94 -45.66 -16.89 -15.14
N GLY D 95 -45.04 -18.07 -14.98
CA GLY D 95 -44.35 -18.74 -16.08
C GLY D 95 -42.93 -18.23 -16.37
N ARG D 96 -42.39 -17.38 -15.50
CA ARG D 96 -41.04 -16.87 -15.67
C ARG D 96 -40.08 -17.38 -14.58
N ALA D 97 -38.80 -17.39 -14.89
CA ALA D 97 -37.78 -17.93 -14.01
C ALA D 97 -37.49 -17.15 -12.71
N LEU D 98 -37.26 -17.90 -11.65
CA LEU D 98 -36.82 -17.37 -10.37
C LEU D 98 -35.40 -17.91 -10.13
N LEU D 99 -34.68 -17.31 -9.18
CA LEU D 99 -33.34 -17.78 -8.83
C LEU D 99 -33.44 -19.18 -8.18
N PRO D 100 -32.37 -20.01 -8.30
CA PRO D 100 -32.42 -21.31 -7.62
C PRO D 100 -32.38 -21.09 -6.11
N PHE D 101 -32.76 -22.11 -5.34
CA PHE D 101 -32.69 -22.05 -3.89
C PHE D 101 -31.32 -22.51 -3.43
N ASP D 102 -30.86 -21.95 -2.32
CA ASP D 102 -29.57 -22.31 -1.76
C ASP D 102 -29.78 -23.38 -0.69
N ASN D 103 -28.69 -24.05 -0.34
CA ASN D 103 -28.70 -25.09 0.65
C ASN D 103 -27.82 -24.60 1.82
N LEU D 104 -28.41 -23.78 2.70
CA LEU D 104 -27.67 -23.22 3.85
C LEU D 104 -27.95 -23.96 5.17
N HIS D 105 -26.91 -24.16 5.96
CA HIS D 105 -27.02 -24.81 7.27
C HIS D 105 -28.04 -24.09 8.16
N ASP D 106 -27.78 -22.82 8.43
CA ASP D 106 -28.70 -21.99 9.19
C ASP D 106 -29.21 -20.93 8.22
N ASP D 107 -30.35 -21.21 7.61
CA ASP D 107 -30.96 -20.34 6.62
C ASP D 107 -31.90 -19.33 7.30
N PRO D 108 -31.56 -18.02 7.22
CA PRO D 108 -32.34 -16.95 7.84
C PRO D 108 -33.69 -16.69 7.18
N CYS D 109 -33.81 -16.99 5.88
CA CYS D 109 -35.05 -16.79 5.14
C CYS D 109 -36.21 -17.66 5.67
N LEU D 110 -35.86 -18.84 6.18
CA LEU D 110 -36.85 -19.76 6.79
C LEU D 110 -37.46 -19.17 8.07
N LEU D 111 -36.72 -18.27 8.73
CA LEU D 111 -37.14 -17.65 9.98
C LEU D 111 -38.07 -16.45 9.81
N THR D 112 -38.20 -15.92 8.59
CA THR D 112 -39.06 -14.75 8.36
C THR D 112 -40.56 -15.09 8.28
N ASN D 113 -40.85 -16.36 7.96
CA ASN D 113 -42.21 -16.89 7.91
C ASN D 113 -42.06 -18.39 8.04
N ARG D 114 -42.25 -18.87 9.26
CA ARG D 114 -42.10 -20.29 9.59
C ARG D 114 -42.87 -21.30 8.72
N SER D 115 -44.15 -21.05 8.47
CA SER D 115 -45.00 -22.00 7.73
C SER D 115 -44.86 -22.00 6.20
N ALA D 116 -44.29 -20.94 5.63
CA ALA D 116 -44.09 -20.86 4.17
C ALA D 116 -42.95 -21.78 3.72
N ARG D 117 -41.95 -21.92 4.59
CA ARG D 117 -40.77 -22.76 4.35
C ARG D 117 -40.06 -22.46 3.02
N ILE D 118 -39.86 -21.17 2.74
CA ILE D 118 -39.16 -20.74 1.54
C ILE D 118 -37.74 -20.31 1.94
N PRO D 119 -36.71 -21.10 1.52
CA PRO D 119 -35.31 -20.81 1.83
C PRO D 119 -34.76 -19.64 1.00
N CYS D 120 -33.52 -19.24 1.28
CA CYS D 120 -32.86 -18.17 0.53
C CYS D 120 -32.47 -18.59 -0.89
N PHE D 121 -32.28 -17.62 -1.75
CA PHE D 121 -31.88 -17.86 -3.14
C PHE D 121 -30.37 -17.98 -3.29
N LEU D 122 -29.93 -18.67 -4.35
CA LEU D 122 -28.50 -18.81 -4.65
C LEU D 122 -28.20 -17.97 -5.88
N ALA D 123 -27.21 -17.09 -5.75
CA ALA D 123 -26.80 -16.21 -6.85
C ALA D 123 -25.28 -15.99 -6.82
N GLY D 124 -24.81 -15.07 -7.66
CA GLY D 124 -23.38 -14.74 -7.70
C GLY D 124 -22.78 -14.23 -6.40
N ASP D 125 -23.58 -13.49 -5.63
CA ASP D 125 -23.20 -12.93 -4.35
C ASP D 125 -24.13 -13.52 -3.27
N THR D 126 -23.61 -13.67 -2.06
CA THR D 126 -24.34 -14.30 -0.95
C THR D 126 -25.49 -13.50 -0.32
N ARG D 127 -25.65 -12.24 -0.71
CA ARG D 127 -26.64 -11.37 -0.09
C ARG D 127 -27.91 -11.14 -0.91
N SER D 128 -28.09 -11.93 -1.98
CA SER D 128 -29.21 -11.70 -2.91
C SER D 128 -30.61 -11.71 -2.29
N SER D 129 -30.77 -12.37 -1.14
CA SER D 129 -32.06 -12.47 -0.44
C SER D 129 -32.28 -11.41 0.66
N GLU D 130 -31.28 -10.57 0.95
CA GLU D 130 -31.34 -9.58 2.03
C GLU D 130 -32.63 -8.75 2.08
N MET D 131 -33.10 -8.27 0.91
CA MET D 131 -34.39 -7.57 0.79
C MET D 131 -35.02 -8.00 -0.56
N PRO D 132 -36.36 -8.17 -0.60
CA PRO D 132 -36.99 -8.64 -1.86
C PRO D 132 -36.76 -7.75 -3.07
N GLU D 133 -36.52 -6.46 -2.86
CA GLU D 133 -36.23 -5.54 -3.94
C GLU D 133 -34.88 -5.87 -4.60
N LEU D 134 -33.91 -6.32 -3.79
CA LEU D 134 -32.60 -6.70 -4.28
C LEU D 134 -32.75 -8.02 -5.05
N THR D 135 -33.50 -8.96 -4.46
CA THR D 135 -33.79 -10.24 -5.12
C THR D 135 -34.36 -10.03 -6.53
N SER D 136 -35.25 -9.05 -6.68
CA SER D 136 -35.86 -8.74 -7.97
C SER D 136 -34.86 -8.28 -9.01
N MET D 137 -33.88 -7.47 -8.61
CA MET D 137 -32.83 -7.04 -9.54
C MET D 137 -31.97 -8.22 -10.02
N HIS D 138 -31.63 -9.13 -9.09
CA HIS D 138 -30.90 -10.35 -9.39
C HIS D 138 -31.66 -11.26 -10.36
N THR D 139 -32.96 -11.42 -10.10
CA THR D 139 -33.83 -12.25 -10.89
C THR D 139 -33.91 -11.66 -12.28
N LEU D 140 -34.02 -10.34 -12.35
CA LEU D 140 -34.08 -9.64 -13.62
C LEU D 140 -32.85 -9.93 -14.48
N LEU D 141 -31.66 -9.77 -13.91
CA LEU D 141 -30.40 -10.01 -14.62
C LEU D 141 -30.21 -11.45 -15.08
N LEU D 142 -30.64 -12.38 -14.23
CA LEU D 142 -30.61 -13.81 -14.59
C LEU D 142 -31.47 -14.10 -15.82
N ARG D 143 -32.65 -13.47 -15.91
CA ARG D 143 -33.53 -13.66 -17.07
C ARG D 143 -32.90 -13.05 -18.32
N GLU D 144 -32.32 -11.86 -18.21
CA GLU D 144 -31.68 -11.20 -19.34
C GLU D 144 -30.52 -12.03 -19.89
N HIS D 145 -29.78 -12.71 -19.00
CA HIS D 145 -28.72 -13.60 -19.46
C HIS D 145 -29.29 -14.72 -20.32
N ASN D 146 -30.28 -15.42 -19.76
CA ASN D 146 -30.93 -16.52 -20.47
C ASN D 146 -31.60 -16.10 -21.76
N ARG D 147 -32.06 -14.84 -21.83
CA ARG D 147 -32.69 -14.29 -23.03
C ARG D 147 -31.66 -14.01 -24.11
N LEU D 148 -30.50 -13.48 -23.71
CA LEU D 148 -29.40 -13.19 -24.63
C LEU D 148 -28.77 -14.46 -25.18
N ALA D 149 -28.58 -15.46 -24.31
CA ALA D 149 -28.03 -16.74 -24.73
C ALA D 149 -28.97 -17.45 -25.72
N THR D 150 -30.28 -17.24 -25.57
CA THR D 150 -31.31 -17.81 -26.48
C THR D 150 -31.25 -17.13 -27.86
N GLU D 151 -31.29 -15.80 -27.88
CA GLU D 151 -31.17 -15.08 -29.15
C GLU D 151 -29.82 -15.34 -29.86
N LEU D 152 -28.74 -15.48 -29.10
CA LEU D 152 -27.43 -15.75 -29.71
C LEU D 152 -27.36 -17.14 -30.35
N LYS D 153 -28.09 -18.10 -29.79
CA LYS D 153 -28.12 -19.45 -30.35
C LYS D 153 -28.81 -19.52 -31.73
N SER D 154 -29.81 -18.66 -31.94
CA SER D 154 -30.51 -18.59 -33.23
C SER D 154 -29.65 -17.90 -34.29
N LEU D 155 -28.88 -16.90 -33.87
CA LEU D 155 -27.98 -16.16 -34.76
C LEU D 155 -26.70 -16.91 -35.11
N ASN D 156 -26.21 -17.72 -34.18
CA ASN D 156 -24.98 -18.49 -34.37
C ASN D 156 -25.15 -19.95 -33.94
N PRO D 157 -25.70 -20.81 -34.82
CA PRO D 157 -25.99 -22.22 -34.50
C PRO D 157 -24.79 -23.10 -34.15
N ARG D 158 -23.59 -22.71 -34.58
CA ARG D 158 -22.37 -23.46 -34.26
C ARG D 158 -21.89 -23.34 -32.79
N TRP D 159 -22.08 -22.15 -32.22
CA TRP D 159 -21.71 -21.85 -30.83
C TRP D 159 -22.21 -22.90 -29.85
N ASP D 160 -21.28 -23.49 -29.09
CA ASP D 160 -21.62 -24.49 -28.07
C ASP D 160 -21.95 -23.80 -26.74
N GLY D 161 -22.33 -24.59 -25.74
CA GLY D 161 -22.71 -24.07 -24.42
C GLY D 161 -21.78 -23.02 -23.82
N GLU D 162 -20.49 -23.35 -23.76
CA GLU D 162 -19.47 -22.46 -23.22
C GLU D 162 -19.42 -21.08 -23.91
N ARG D 163 -19.44 -21.09 -25.25
CA ARG D 163 -19.40 -19.86 -26.05
C ARG D 163 -20.65 -18.98 -25.84
N LEU D 164 -21.82 -19.63 -25.70
CA LEU D 164 -23.07 -18.88 -25.51
C LEU D 164 -23.09 -18.20 -24.14
N TYR D 165 -22.61 -18.93 -23.14
CA TYR D 165 -22.54 -18.41 -21.77
C TYR D 165 -21.60 -17.23 -21.67
N GLN D 166 -20.41 -17.35 -22.26
CA GLN D 166 -19.42 -16.28 -22.22
C GLN D 166 -19.89 -15.03 -22.96
N GLU D 167 -20.42 -15.22 -24.16
CA GLU D 167 -20.90 -14.09 -24.96
C GLU D 167 -22.07 -13.33 -24.29
N ALA D 168 -22.97 -14.04 -23.61
CA ALA D 168 -24.10 -13.44 -22.91
C ALA D 168 -23.61 -12.77 -21.63
N ARG D 169 -22.64 -13.38 -20.96
CA ARG D 169 -22.02 -12.83 -19.75
C ARG D 169 -21.30 -11.52 -20.05
N LYS D 170 -20.64 -11.49 -21.20
CA LYS D 170 -19.92 -10.31 -21.66
C LYS D 170 -20.87 -9.16 -21.98
N ILE D 171 -22.05 -9.49 -22.47
CA ILE D 171 -23.05 -8.45 -22.76
C ILE D 171 -23.64 -7.90 -21.47
N VAL D 172 -23.94 -8.79 -20.52
CA VAL D 172 -24.54 -8.36 -19.23
C VAL D 172 -23.57 -7.44 -18.46
N GLY D 173 -22.29 -7.84 -18.43
CA GLY D 173 -21.26 -7.05 -17.78
C GLY D 173 -21.22 -5.66 -18.36
N ALA D 174 -21.31 -5.54 -19.70
CA ALA D 174 -21.25 -4.24 -20.35
C ALA D 174 -22.48 -3.42 -20.01
N MET D 175 -23.63 -4.09 -19.95
CA MET D 175 -24.89 -3.44 -19.58
C MET D 175 -24.80 -2.84 -18.18
N VAL D 176 -24.28 -3.61 -17.23
CA VAL D 176 -24.09 -3.09 -15.87
C VAL D 176 -23.13 -1.87 -15.90
N GLN D 177 -22.10 -1.94 -16.74
CA GLN D 177 -21.15 -0.82 -16.86
C GLN D 177 -21.82 0.45 -17.41
N ILE D 178 -22.61 0.28 -18.46
CA ILE D 178 -23.28 1.39 -19.12
C ILE D 178 -24.28 2.09 -18.20
N ILE D 179 -25.17 1.32 -17.57
CA ILE D 179 -26.17 1.89 -16.68
C ILE D 179 -25.51 2.65 -15.52
N THR D 180 -24.43 2.09 -15.00
CA THR D 180 -23.66 2.67 -13.90
C THR D 180 -22.99 4.00 -14.25
N TYR D 181 -22.25 4.03 -15.35
CA TYR D 181 -21.52 5.25 -15.70
C TYR D 181 -22.31 6.29 -16.49
N ARG D 182 -23.29 5.84 -17.26
CA ARG D 182 -24.08 6.78 -18.05
C ARG D 182 -25.26 7.35 -17.24
N ASP D 183 -26.00 6.49 -16.54
CA ASP D 183 -27.22 6.86 -15.82
C ASP D 183 -27.10 7.03 -14.29
N TYR D 184 -26.43 6.10 -13.62
CA TYR D 184 -26.32 6.14 -12.17
C TYR D 184 -25.33 7.18 -11.59
N LEU D 185 -24.05 7.01 -11.89
CA LEU D 185 -23.01 7.87 -11.34
C LEU D 185 -23.18 9.40 -11.50
N PRO D 186 -23.68 9.88 -12.66
CA PRO D 186 -23.85 11.35 -12.70
C PRO D 186 -24.88 11.85 -11.66
N LEU D 187 -25.86 11.02 -11.32
CA LEU D 187 -26.86 11.39 -10.33
C LEU D 187 -26.40 11.26 -8.89
N VAL D 188 -25.32 10.49 -8.66
CA VAL D 188 -24.75 10.37 -7.33
C VAL D 188 -23.84 11.59 -7.07
N LEU D 189 -22.92 11.82 -8.00
CA LEU D 189 -21.90 12.85 -7.89
C LEU D 189 -22.30 14.27 -8.29
N GLY D 190 -23.20 14.41 -9.27
CA GLY D 190 -23.56 15.74 -9.77
C GLY D 190 -22.59 16.08 -10.91
N PRO D 191 -22.89 17.12 -11.71
CA PRO D 191 -22.04 17.36 -12.88
C PRO D 191 -20.62 17.90 -12.63
N THR D 192 -20.44 18.76 -11.64
CA THR D 192 -19.12 19.31 -11.38
C THR D 192 -18.12 18.21 -10.97
N ALA D 193 -18.54 17.35 -10.06
CA ALA D 193 -17.70 16.25 -9.60
C ALA D 193 -17.54 15.18 -10.69
N MET D 194 -18.55 15.04 -11.55
CA MET D 194 -18.52 14.06 -12.63
C MET D 194 -17.42 14.42 -13.66
N ARG D 195 -17.31 15.71 -13.97
CA ARG D 195 -16.28 16.19 -14.89
C ARG D 195 -14.88 16.14 -14.26
N LYS D 196 -14.80 16.39 -12.96
CA LYS D 196 -13.52 16.41 -12.27
C LYS D 196 -12.93 15.01 -12.05
N TYR D 197 -13.73 14.08 -11.56
CA TYR D 197 -13.25 12.72 -11.24
C TYR D 197 -13.43 11.67 -12.34
N LEU D 198 -14.41 11.88 -13.20
CA LEU D 198 -14.66 10.95 -14.31
C LEU D 198 -14.65 11.65 -15.67
N PRO D 199 -13.46 12.16 -16.09
CA PRO D 199 -13.37 12.80 -17.41
C PRO D 199 -13.54 11.77 -18.52
N THR D 200 -13.85 12.25 -19.73
CA THR D 200 -14.06 11.39 -20.91
C THR D 200 -12.98 10.30 -21.04
N TYR D 201 -13.45 9.06 -21.20
CA TYR D 201 -12.58 7.89 -21.34
C TYR D 201 -11.69 7.98 -22.58
N ARG D 202 -10.42 7.56 -22.42
CA ARG D 202 -9.46 7.54 -23.53
C ARG D 202 -9.18 6.08 -23.94
N SER D 203 -8.47 5.36 -23.10
CA SER D 203 -8.22 3.93 -23.34
C SER D 203 -7.69 3.25 -22.08
N TYR D 204 -7.51 1.94 -22.16
CA TYR D 204 -7.00 1.14 -21.07
C TYR D 204 -5.61 1.55 -20.64
N ASN D 205 -5.43 1.74 -19.35
CA ASN D 205 -4.13 2.08 -18.80
C ASN D 205 -3.72 0.98 -17.80
N ASP D 206 -2.71 0.20 -18.15
CA ASP D 206 -2.29 -0.93 -17.30
C ASP D 206 -1.57 -0.54 -15.98
N SER D 207 -1.27 0.75 -15.83
CA SER D 207 -0.66 1.31 -14.63
C SER D 207 -1.68 1.90 -13.64
N VAL D 208 -2.98 1.75 -13.92
CA VAL D 208 -4.02 2.22 -13.01
C VAL D 208 -4.45 1.02 -12.16
N ASP D 209 -4.24 1.14 -10.85
CA ASP D 209 -4.57 0.08 -9.86
C ASP D 209 -6.10 0.00 -9.73
N PRO D 210 -6.72 -1.14 -10.10
CA PRO D 210 -8.19 -1.27 -10.06
C PRO D 210 -8.77 -1.88 -8.77
N ARG D 211 -7.95 -2.11 -7.73
CA ARG D 211 -8.44 -2.69 -6.48
C ARG D 211 -9.41 -1.76 -5.74
N ILE D 212 -10.33 -2.35 -4.97
CA ILE D 212 -11.24 -1.56 -4.14
C ILE D 212 -10.43 -1.10 -2.94
N ALA D 213 -10.53 0.21 -2.65
CA ALA D 213 -9.87 0.81 -1.49
C ALA D 213 -10.67 0.50 -0.24
N ASN D 214 -9.98 0.22 0.86
CA ASN D 214 -10.65 -0.11 2.11
C ASN D 214 -11.68 0.96 2.49
N VAL D 215 -11.32 2.23 2.36
CA VAL D 215 -12.23 3.33 2.69
C VAL D 215 -13.54 3.30 1.89
N PHE D 216 -13.48 2.84 0.64
CA PHE D 216 -14.67 2.76 -0.23
C PHE D 216 -15.75 1.87 0.37
N THR D 217 -15.36 0.74 0.98
CA THR D 217 -16.37 -0.16 1.57
C THR D 217 -17.23 0.54 2.64
N ASN D 218 -16.73 1.61 3.24
CA ASN D 218 -17.51 2.36 4.22
C ASN D 218 -18.17 3.60 3.56
N ALA D 219 -17.44 4.34 2.72
CA ALA D 219 -17.98 5.53 2.04
C ALA D 219 -19.19 5.24 1.13
N PHE D 220 -19.13 4.15 0.37
CA PHE D 220 -20.24 3.84 -0.55
C PHE D 220 -21.52 3.46 0.20
N ARG D 221 -21.40 3.27 1.53
CA ARG D 221 -22.57 3.00 2.37
C ARG D 221 -23.44 4.25 2.55
N TYR D 222 -23.12 5.30 1.79
CA TYR D 222 -23.88 6.56 1.83
C TYR D 222 -25.33 6.21 1.44
N GLY D 223 -25.47 5.15 0.62
CA GLY D 223 -26.76 4.68 0.12
C GLY D 223 -27.79 4.40 1.19
N HIS D 224 -27.34 4.08 2.41
CA HIS D 224 -28.28 3.82 3.50
C HIS D 224 -29.13 5.04 3.86
N THR D 225 -28.72 6.24 3.42
CA THR D 225 -29.50 7.46 3.69
C THR D 225 -30.67 7.62 2.70
N LEU D 226 -30.67 6.79 1.65
CA LEU D 226 -31.69 6.83 0.61
C LEU D 226 -32.85 5.85 0.89
N ILE D 227 -32.67 4.98 1.89
CA ILE D 227 -33.64 3.93 2.23
C ILE D 227 -34.98 4.39 2.83
N GLN D 228 -36.08 4.01 2.17
CA GLN D 228 -37.45 4.24 2.61
C GLN D 228 -37.81 3.17 3.67
N PRO D 229 -38.77 3.47 4.58
CA PRO D 229 -39.11 2.49 5.63
C PRO D 229 -40.11 1.38 5.25
N PHE D 230 -40.52 1.31 3.99
CA PHE D 230 -41.45 0.28 3.52
C PHE D 230 -41.03 -0.26 2.17
N MET D 231 -41.48 -1.48 1.88
CA MET D 231 -41.37 -2.07 0.54
C MET D 231 -42.73 -1.79 -0.12
N PHE D 232 -42.72 -1.12 -1.28
CA PHE D 232 -43.95 -0.76 -1.99
C PHE D 232 -44.23 -1.71 -3.15
N ARG D 233 -45.49 -2.11 -3.25
CA ARG D 233 -45.95 -3.02 -4.32
C ARG D 233 -47.17 -2.47 -5.04
N LEU D 234 -47.09 -2.45 -6.37
CA LEU D 234 -48.13 -1.87 -7.22
C LEU D 234 -48.59 -2.83 -8.32
N ASP D 235 -49.85 -2.71 -8.74
CA ASP D 235 -50.41 -3.57 -9.81
C ASP D 235 -50.21 -2.97 -11.22
N ASN D 236 -50.81 -3.59 -12.24
CA ASN D 236 -50.61 -3.13 -13.63
C ASN D 236 -51.11 -1.72 -13.97
N ARG D 237 -51.83 -1.09 -13.06
CA ARG D 237 -52.29 0.29 -13.26
C ARG D 237 -51.55 1.22 -12.30
N TYR D 238 -50.45 0.70 -11.74
CA TYR D 238 -49.57 1.41 -10.79
C TYR D 238 -50.31 1.91 -9.55
N GLN D 239 -51.13 1.02 -8.99
CA GLN D 239 -51.89 1.35 -7.80
C GLN D 239 -51.57 0.34 -6.72
N PRO D 240 -51.68 0.74 -5.45
CA PRO D 240 -51.41 -0.14 -4.35
C PRO D 240 -51.98 -1.53 -4.61
N MET D 241 -51.17 -2.57 -4.42
CA MET D 241 -51.62 -3.93 -4.66
C MET D 241 -51.97 -4.62 -3.35
N GLU D 242 -53.24 -4.98 -3.19
CA GLU D 242 -53.76 -5.57 -1.96
C GLU D 242 -53.35 -7.04 -1.74
N PRO D 243 -53.37 -7.48 -0.47
CA PRO D 243 -53.76 -6.70 0.73
C PRO D 243 -52.62 -6.04 1.53
N ASN D 244 -51.38 -6.15 1.05
CA ASN D 244 -50.21 -5.56 1.72
C ASN D 244 -49.35 -4.72 0.77
N PRO D 245 -49.80 -3.49 0.48
CA PRO D 245 -49.08 -2.61 -0.44
C PRO D 245 -47.85 -1.90 0.15
N ARG D 246 -47.78 -1.78 1.47
CA ARG D 246 -46.65 -1.11 2.12
C ARG D 246 -46.20 -1.92 3.32
N VAL D 247 -45.27 -2.82 3.10
CA VAL D 247 -44.78 -3.66 4.18
C VAL D 247 -43.58 -3.01 4.87
N PRO D 248 -43.65 -2.84 6.21
CA PRO D 248 -42.53 -2.25 6.95
C PRO D 248 -41.24 -3.02 6.65
N LEU D 249 -40.18 -2.29 6.33
CA LEU D 249 -38.90 -2.89 5.94
C LEU D 249 -38.42 -4.01 6.89
N SER D 250 -38.72 -3.87 8.19
CA SER D 250 -38.35 -4.86 9.19
C SER D 250 -39.07 -6.22 9.06
N ARG D 251 -40.05 -6.31 8.17
CA ARG D 251 -40.71 -7.58 7.89
C ARG D 251 -40.41 -8.12 6.48
N VAL D 252 -39.44 -7.51 5.80
CA VAL D 252 -39.04 -7.94 4.45
C VAL D 252 -37.60 -8.45 4.35
N PHE D 253 -36.80 -8.24 5.39
CA PHE D 253 -35.42 -8.69 5.35
C PHE D 253 -35.39 -10.22 5.32
N PHE D 254 -34.69 -10.77 4.33
CA PHE D 254 -34.59 -12.21 4.12
C PHE D 254 -35.96 -12.86 3.89
N ALA D 255 -36.96 -12.06 3.50
CA ALA D 255 -38.29 -12.59 3.26
C ALA D 255 -38.41 -13.08 1.81
N SER D 256 -37.70 -14.16 1.52
CA SER D 256 -37.74 -14.74 0.17
C SER D 256 -39.14 -15.26 -0.14
N TRP D 257 -39.92 -15.57 0.89
CA TRP D 257 -41.28 -16.09 0.71
C TRP D 257 -42.22 -15.10 0.01
N ARG D 258 -41.92 -13.81 0.11
CA ARG D 258 -42.78 -12.79 -0.47
C ARG D 258 -42.64 -12.73 -1.97
N VAL D 259 -41.46 -13.10 -2.46
CA VAL D 259 -41.19 -13.14 -3.88
C VAL D 259 -41.93 -14.35 -4.48
N VAL D 260 -41.84 -15.49 -3.79
CA VAL D 260 -42.43 -16.74 -4.26
C VAL D 260 -43.98 -16.82 -4.14
N LEU D 261 -44.50 -16.45 -2.97
CA LEU D 261 -45.92 -16.54 -2.64
C LEU D 261 -46.78 -15.27 -2.68
N GLU D 262 -46.18 -14.11 -2.92
CA GLU D 262 -46.96 -12.88 -2.93
C GLU D 262 -46.90 -12.05 -4.20
N GLY D 263 -46.92 -12.71 -5.36
CA GLY D 263 -46.99 -11.99 -6.64
C GLY D 263 -45.74 -11.81 -7.47
N GLY D 264 -44.61 -12.38 -7.04
CA GLY D 264 -43.37 -12.29 -7.82
C GLY D 264 -42.65 -10.95 -7.84
N ILE D 265 -41.95 -10.66 -8.94
CA ILE D 265 -41.12 -9.46 -9.01
C ILE D 265 -41.72 -8.24 -9.72
N ASP D 266 -42.81 -8.43 -10.48
CA ASP D 266 -43.44 -7.29 -11.17
C ASP D 266 -43.97 -6.18 -10.23
N PRO D 267 -44.64 -6.55 -9.11
CA PRO D 267 -45.15 -5.50 -8.22
C PRO D 267 -44.02 -4.75 -7.54
N ILE D 268 -42.94 -5.47 -7.25
CA ILE D 268 -41.75 -4.93 -6.61
C ILE D 268 -41.03 -3.96 -7.54
N LEU D 269 -40.79 -4.35 -8.79
CA LEU D 269 -40.12 -3.49 -9.74
C LEU D 269 -40.92 -2.22 -10.02
N ARG D 270 -42.26 -2.35 -10.09
CA ARG D 270 -43.12 -1.17 -10.29
C ARG D 270 -43.01 -0.25 -9.08
N GLY D 271 -43.06 -0.83 -7.89
CA GLY D 271 -42.86 -0.06 -6.67
C GLY D 271 -41.53 0.70 -6.70
N LEU D 272 -40.46 0.07 -7.18
CA LEU D 272 -39.15 0.72 -7.25
C LEU D 272 -39.14 1.92 -8.19
N MET D 273 -39.78 1.76 -9.34
CA MET D 273 -39.85 2.80 -10.37
C MET D 273 -40.75 3.99 -10.07
N ALA D 274 -41.85 3.76 -9.35
CA ALA D 274 -42.88 4.80 -9.13
C ALA D 274 -43.00 5.36 -7.70
N THR D 275 -42.02 5.05 -6.86
CA THR D 275 -41.98 5.56 -5.49
C THR D 275 -40.67 6.36 -5.34
N PRO D 276 -40.75 7.54 -4.72
CA PRO D 276 -39.51 8.32 -4.55
C PRO D 276 -38.56 7.69 -3.54
N ALA D 277 -37.27 7.94 -3.71
CA ALA D 277 -36.31 7.51 -2.69
C ALA D 277 -36.42 8.48 -1.51
N LYS D 278 -35.86 8.10 -0.37
CA LYS D 278 -35.79 9.04 0.76
C LYS D 278 -34.66 10.03 0.43
N LEU D 279 -34.85 11.31 0.77
CA LEU D 279 -33.82 12.32 0.59
C LEU D 279 -32.95 12.41 1.85
N ASN D 280 -31.63 12.48 1.66
CA ASN D 280 -30.71 12.67 2.78
C ASN D 280 -30.74 14.15 3.16
N ARG D 281 -31.16 14.43 4.40
CA ARG D 281 -31.22 15.78 4.97
C ARG D 281 -30.37 15.72 6.23
N GLN D 282 -29.76 16.84 6.65
CA GLN D 282 -28.85 16.84 7.82
C GLN D 282 -29.49 16.47 9.16
N ASN D 283 -30.81 16.65 9.28
CA ASN D 283 -31.53 16.23 10.49
C ASN D 283 -32.47 15.06 10.20
N GLN D 284 -32.28 14.44 9.04
CA GLN D 284 -33.07 13.28 8.59
C GLN D 284 -32.13 12.30 7.88
N ILE D 285 -31.10 11.85 8.59
CA ILE D 285 -30.07 10.98 8.02
C ILE D 285 -30.51 9.55 7.62
N ALA D 286 -31.01 8.75 8.57
CA ALA D 286 -31.44 7.38 8.28
C ALA D 286 -32.62 6.90 9.12
N VAL D 287 -33.53 6.16 8.50
CA VAL D 287 -34.78 5.73 9.18
C VAL D 287 -34.63 4.65 10.26
N ASP D 288 -35.54 4.65 11.23
CA ASP D 288 -35.54 3.66 12.32
C ASP D 288 -35.78 2.20 11.88
N GLU D 289 -36.36 1.98 10.70
CA GLU D 289 -36.51 0.60 10.20
C GLU D 289 -35.12 -0.07 10.04
N ILE D 290 -34.07 0.72 9.80
CA ILE D 290 -32.71 0.19 9.71
C ILE D 290 -31.85 0.61 10.90
N ARG D 291 -32.30 1.61 11.64
CA ARG D 291 -31.54 2.11 12.79
C ARG D 291 -31.95 1.37 14.06
N GLU D 292 -33.18 0.84 14.10
CA GLU D 292 -33.70 0.17 15.29
C GLU D 292 -34.14 -1.28 15.06
N ARG D 293 -34.58 -1.59 13.85
CA ARG D 293 -35.18 -2.91 13.57
C ARG D 293 -34.53 -3.77 12.45
N LEU D 294 -33.27 -3.47 12.10
CA LEU D 294 -32.55 -4.23 11.07
C LEU D 294 -32.40 -5.71 11.46
N PHE D 295 -32.93 -6.57 10.60
CA PHE D 295 -32.90 -8.02 10.78
C PHE D 295 -33.58 -8.49 12.09
N GLU D 296 -34.60 -7.74 12.50
CA GLU D 296 -35.35 -8.03 13.71
C GLU D 296 -35.96 -9.45 13.73
N GLN D 297 -36.55 -9.87 12.61
CA GLN D 297 -37.18 -11.20 12.53
C GLN D 297 -36.24 -12.40 12.55
N VAL D 298 -35.02 -12.23 12.03
CA VAL D 298 -34.06 -13.33 11.91
C VAL D 298 -32.99 -13.47 12.99
N MET D 299 -33.08 -12.71 14.07
CA MET D 299 -32.11 -12.81 15.17
C MET D 299 -32.64 -12.31 16.51
N ARG D 300 -31.85 -12.45 17.57
CA ARG D 300 -32.28 -12.11 18.93
C ARG D 300 -32.63 -10.64 19.22
N ILE D 301 -32.05 -9.72 18.44
CA ILE D 301 -32.24 -8.29 18.68
C ILE D 301 -32.12 -7.52 17.37
N GLY D 302 -32.85 -6.41 17.28
CA GLY D 302 -32.79 -5.55 16.11
C GLY D 302 -31.43 -4.85 16.07
N LEU D 303 -30.84 -4.79 14.89
CA LEU D 303 -29.54 -4.13 14.68
C LEU D 303 -29.72 -2.62 14.40
N ASP D 304 -28.59 -1.90 14.39
CA ASP D 304 -28.54 -0.47 14.09
C ASP D 304 -27.49 -0.29 12.97
N LEU D 305 -27.96 -0.20 11.73
CA LEU D 305 -27.06 -0.09 10.55
C LEU D 305 -26.07 1.10 10.60
N PRO D 306 -26.55 2.35 10.78
CA PRO D 306 -25.60 3.49 10.92
C PRO D 306 -24.54 3.23 12.00
N ALA D 307 -24.95 2.68 13.15
CA ALA D 307 -24.00 2.35 14.22
C ALA D 307 -23.00 1.27 13.78
N LEU D 308 -23.47 0.28 13.02
CA LEU D 308 -22.59 -0.77 12.49
C LEU D 308 -21.51 -0.18 11.56
N ASN D 309 -21.94 0.73 10.67
CA ASN D 309 -21.04 1.40 9.73
C ASN D 309 -19.84 2.06 10.46
N MET D 310 -20.12 2.68 11.60
CA MET D 310 -19.12 3.39 12.40
C MET D 310 -18.22 2.42 13.14
N GLN D 311 -18.82 1.38 13.70
CA GLN D 311 -18.06 0.34 14.38
C GLN D 311 -17.17 -0.33 13.33
N ARG D 312 -17.70 -0.49 12.11
CA ARG D 312 -16.96 -1.15 11.00
C ARG D 312 -15.72 -0.36 10.57
N SER D 313 -15.85 0.96 10.47
CA SER D 313 -14.70 1.79 10.06
C SER D 313 -13.56 1.68 11.10
N ARG D 314 -13.92 1.58 12.37
CA ARG D 314 -12.95 1.43 13.46
C ARG D 314 -12.28 0.07 13.37
N ASP D 315 -13.11 -0.95 13.13
CA ASP D 315 -12.68 -2.32 12.93
C ASP D 315 -11.63 -2.39 11.81
N HIS D 316 -11.85 -1.59 10.77
CA HIS D 316 -10.97 -1.55 9.58
C HIS D 316 -9.78 -0.59 9.71
N GLY D 317 -9.66 0.08 10.86
CA GLY D 317 -8.57 1.02 11.13
C GLY D 317 -8.58 2.21 10.18
N LEU D 318 -9.78 2.70 9.88
CA LEU D 318 -9.92 3.83 8.95
C LEU D 318 -9.65 5.17 9.63
N PRO D 319 -8.84 6.01 8.97
CA PRO D 319 -8.54 7.33 9.52
C PRO D 319 -9.82 8.18 9.62
N GLY D 320 -9.77 9.19 10.47
CA GLY D 320 -10.90 10.08 10.69
C GLY D 320 -11.22 11.01 9.53
N TYR D 321 -12.26 11.82 9.73
CA TYR D 321 -12.79 12.74 8.71
C TYR D 321 -11.77 13.71 8.15
N ASN D 322 -11.05 14.41 9.02
CA ASN D 322 -10.04 15.34 8.56
C ASN D 322 -8.94 14.70 7.71
N ALA D 323 -8.48 13.50 8.07
CA ALA D 323 -7.46 12.84 7.27
C ALA D 323 -7.96 12.57 5.83
N TRP D 324 -9.25 12.25 5.69
CA TRP D 324 -9.83 12.01 4.36
C TRP D 324 -10.02 13.30 3.59
N ARG D 325 -10.33 14.37 4.31
CA ARG D 325 -10.45 15.69 3.71
C ARG D 325 -9.11 16.07 3.12
N ARG D 326 -8.05 15.88 3.90
CA ARG D 326 -6.68 16.16 3.48
C ARG D 326 -6.30 15.31 2.26
N PHE D 327 -6.66 14.03 2.30
CA PHE D 327 -6.40 13.11 1.17
C PHE D 327 -7.07 13.65 -0.10
N CYS D 328 -8.27 14.18 0.06
CA CYS D 328 -9.05 14.71 -1.05
C CYS D 328 -8.73 16.16 -1.46
N GLY D 329 -7.78 16.81 -0.78
CA GLY D 329 -7.42 18.21 -1.10
C GLY D 329 -8.48 19.20 -0.61
N LEU D 330 -9.20 18.81 0.44
CA LEU D 330 -10.26 19.63 1.00
C LEU D 330 -9.79 20.20 2.33
N PRO D 331 -10.16 21.47 2.62
CA PRO D 331 -9.72 22.07 3.88
C PRO D 331 -10.21 21.25 5.08
N GLN D 332 -9.43 21.23 6.16
CA GLN D 332 -9.75 20.45 7.35
C GLN D 332 -10.11 21.39 8.53
N PRO D 333 -11.42 21.45 8.90
CA PRO D 333 -11.90 22.27 10.01
C PRO D 333 -11.38 21.77 11.36
N GLU D 334 -10.94 22.70 12.21
CA GLU D 334 -10.40 22.32 13.52
C GLU D 334 -11.33 22.71 14.68
N THR D 335 -12.09 23.79 14.49
CA THR D 335 -13.00 24.30 15.52
C THR D 335 -14.44 23.99 15.15
N VAL D 336 -15.36 24.16 16.10
CA VAL D 336 -16.78 23.93 15.82
C VAL D 336 -17.30 24.92 14.77
N GLY D 337 -16.82 26.16 14.83
CA GLY D 337 -17.19 27.22 13.88
C GLY D 337 -16.75 26.92 12.46
N GLN D 338 -15.52 26.42 12.32
CA GLN D 338 -15.00 26.00 11.02
C GLN D 338 -15.80 24.79 10.49
N LEU D 339 -16.13 23.85 11.37
CA LEU D 339 -16.92 22.68 10.99
C LEU D 339 -18.35 23.10 10.57
N GLY D 340 -18.91 24.10 11.28
CA GLY D 340 -20.21 24.65 10.92
C GLY D 340 -20.20 25.23 9.51
N THR D 341 -19.11 25.95 9.18
CA THR D 341 -18.94 26.55 7.86
C THR D 341 -18.86 25.48 6.77
N VAL D 342 -18.06 24.44 7.01
CA VAL D 342 -17.95 23.31 6.06
C VAL D 342 -19.30 22.61 5.86
N LEU D 343 -20.05 22.41 6.94
CA LEU D 343 -21.35 21.74 6.85
C LEU D 343 -22.52 22.70 6.54
N ARG D 344 -22.26 24.01 6.58
CA ARG D 344 -23.31 25.04 6.41
C ARG D 344 -24.48 24.70 7.35
N ASN D 345 -24.12 24.37 8.59
CA ASN D 345 -25.08 23.96 9.60
C ASN D 345 -24.35 23.86 10.95
N LEU D 346 -24.36 24.96 11.69
CA LEU D 346 -23.72 25.02 13.01
C LEU D 346 -24.37 24.06 14.03
N LYS D 347 -25.69 23.90 13.93
CA LYS D 347 -26.41 23.02 14.83
C LYS D 347 -25.83 21.59 14.76
N LEU D 348 -25.68 21.05 13.55
CA LEU D 348 -25.08 19.74 13.35
C LEU D 348 -23.58 19.71 13.75
N ALA D 349 -22.85 20.80 13.49
CA ALA D 349 -21.42 20.85 13.88
C ALA D 349 -21.27 20.65 15.39
N ARG D 350 -22.18 21.28 16.17
CA ARG D 350 -22.17 21.15 17.62
C ARG D 350 -22.47 19.75 18.12
N LYS D 351 -23.44 19.07 17.51
CA LYS D 351 -23.75 17.70 17.89
C LYS D 351 -22.55 16.77 17.64
N LEU D 352 -21.82 17.02 16.55
CA LEU D 352 -20.65 16.24 16.18
C LEU D 352 -19.45 16.49 17.12
N MET D 353 -19.22 17.74 17.50
CA MET D 353 -18.14 18.08 18.46
C MET D 353 -18.41 17.48 19.84
N GLU D 354 -19.66 17.56 20.30
CA GLU D 354 -20.06 17.01 21.61
C GLU D 354 -19.82 15.50 21.66
N GLN D 355 -20.07 14.83 20.53
CA GLN D 355 -19.86 13.38 20.45
C GLN D 355 -18.39 13.04 20.32
N TYR D 356 -17.74 13.64 19.32
CA TYR D 356 -16.35 13.28 18.97
C TYR D 356 -15.22 14.06 19.61
N GLY D 357 -15.46 15.32 19.98
CA GLY D 357 -14.42 16.13 20.63
C GLY D 357 -13.62 16.96 19.63
N THR D 358 -13.31 16.36 18.48
CA THR D 358 -12.54 17.02 17.40
C THR D 358 -13.01 16.50 16.02
N PRO D 359 -12.98 17.37 14.98
CA PRO D 359 -13.37 16.85 13.66
C PRO D 359 -12.39 15.81 13.12
N ASN D 360 -11.20 15.73 13.73
CA ASN D 360 -10.21 14.73 13.36
C ASN D 360 -10.72 13.32 13.61
N ASN D 361 -11.59 13.17 14.62
CA ASN D 361 -12.11 11.86 15.04
C ASN D 361 -13.46 11.41 14.47
N ILE D 362 -14.13 12.26 13.69
CA ILE D 362 -15.42 11.88 13.12
C ILE D 362 -15.22 10.65 12.20
N ASP D 363 -15.99 9.59 12.46
CA ASP D 363 -15.94 8.38 11.66
C ASP D 363 -16.28 8.74 10.23
N ILE D 364 -15.56 8.14 9.27
CA ILE D 364 -15.75 8.45 7.85
C ILE D 364 -17.20 8.48 7.30
N TRP D 365 -18.02 7.48 7.61
CA TRP D 365 -19.43 7.46 7.14
C TRP D 365 -20.25 8.63 7.70
N MET D 366 -20.13 8.86 9.01
CA MET D 366 -20.87 9.91 9.70
C MET D 366 -20.51 11.28 9.13
N GLY D 367 -19.21 11.55 9.00
CA GLY D 367 -18.73 12.81 8.43
C GLY D 367 -19.13 12.96 6.98
N GLY D 368 -19.02 11.87 6.22
CA GLY D 368 -19.36 11.85 4.81
C GLY D 368 -20.83 12.15 4.56
N VAL D 369 -21.73 11.48 5.28
CA VAL D 369 -23.16 11.73 5.03
C VAL D 369 -23.68 13.02 5.67
N SER D 370 -22.86 13.65 6.51
CA SER D 370 -23.24 14.91 7.16
C SER D 370 -23.08 16.12 6.25
N GLU D 371 -22.20 16.03 5.27
CA GLU D 371 -21.92 17.15 4.36
C GLU D 371 -23.11 17.49 3.45
N PRO D 372 -23.33 18.78 3.20
CA PRO D 372 -24.41 19.23 2.30
C PRO D 372 -24.16 18.67 0.91
N LEU D 373 -25.23 18.25 0.27
CA LEU D 373 -25.17 17.60 -1.04
C LEU D 373 -24.76 18.57 -2.14
N LYS D 374 -23.99 18.08 -3.10
CA LYS D 374 -23.59 18.88 -4.24
C LYS D 374 -24.81 19.06 -5.15
N ARG D 375 -24.81 20.15 -5.89
CA ARG D 375 -25.87 20.50 -6.82
C ARG D 375 -26.07 19.37 -7.83
N LYS D 376 -27.33 18.95 -7.95
CA LYS D 376 -27.74 17.86 -8.83
C LYS D 376 -27.11 16.52 -8.45
N GLY D 377 -26.53 16.46 -7.25
CA GLY D 377 -25.91 15.24 -6.76
C GLY D 377 -26.56 14.80 -5.45
N ARG D 378 -26.15 13.64 -4.94
CA ARG D 378 -26.70 13.12 -3.68
C ARG D 378 -25.62 12.77 -2.64
N VAL D 379 -24.43 13.32 -2.83
CA VAL D 379 -23.33 13.24 -1.84
C VAL D 379 -22.61 14.59 -1.76
N GLY D 380 -21.90 14.84 -0.66
CA GLY D 380 -21.10 16.06 -0.51
C GLY D 380 -19.68 15.90 -1.09
N PRO D 381 -18.86 16.98 -1.05
CA PRO D 381 -17.49 16.99 -1.61
C PRO D 381 -16.57 15.80 -1.22
N LEU D 382 -16.61 15.38 0.04
CA LEU D 382 -15.75 14.29 0.51
C LEU D 382 -16.11 12.93 -0.09
N LEU D 383 -17.38 12.54 -0.01
CA LEU D 383 -17.86 11.30 -0.60
C LEU D 383 -17.72 11.34 -2.13
N ALA D 384 -17.98 12.50 -2.72
CA ALA D 384 -17.83 12.65 -4.16
C ALA D 384 -16.42 12.26 -4.58
N CYS D 385 -15.43 12.76 -3.84
CA CYS D 385 -14.02 12.48 -4.11
C CYS D 385 -13.70 11.00 -3.95
N ILE D 386 -14.10 10.41 -2.82
CA ILE D 386 -13.83 8.98 -2.58
C ILE D 386 -14.54 8.09 -3.62
N ILE D 387 -15.81 8.38 -3.88
CA ILE D 387 -16.56 7.56 -4.82
C ILE D 387 -16.07 7.69 -6.26
N GLY D 388 -15.93 8.92 -6.75
CA GLY D 388 -15.48 9.20 -8.12
C GLY D 388 -14.07 8.69 -8.40
N THR D 389 -13.18 8.80 -7.41
CA THR D 389 -11.83 8.26 -7.55
C THR D 389 -11.89 6.75 -7.74
N GLN D 390 -12.73 6.06 -6.94
CA GLN D 390 -12.83 4.60 -7.05
C GLN D 390 -13.34 4.17 -8.41
N PHE D 391 -14.41 4.82 -8.87
CA PHE D 391 -15.00 4.49 -10.17
C PHE D 391 -14.11 4.82 -11.37
N ARG D 392 -13.31 5.88 -11.29
CA ARG D 392 -12.35 6.17 -12.35
C ARG D 392 -11.31 5.05 -12.44
N LYS D 393 -10.88 4.52 -11.29
CA LYS D 393 -9.89 3.44 -11.30
C LYS D 393 -10.47 2.14 -11.81
N LEU D 394 -11.76 1.92 -11.53
CA LEU D 394 -12.47 0.73 -11.99
C LEU D 394 -12.72 0.72 -13.50
N ARG D 395 -12.71 1.92 -14.09
CA ARG D 395 -12.92 2.10 -15.52
C ARG D 395 -11.59 2.05 -16.28
N ASP D 396 -10.72 3.02 -15.99
CA ASP D 396 -9.40 3.14 -16.66
C ASP D 396 -8.47 1.93 -16.43
N GLY D 397 -8.67 1.18 -15.35
CA GLY D 397 -7.81 0.04 -15.05
C GLY D 397 -8.44 -1.32 -15.34
N ASP D 398 -9.50 -1.34 -16.15
CA ASP D 398 -10.18 -2.58 -16.52
C ASP D 398 -9.82 -2.89 -17.97
N ARG D 399 -9.10 -3.99 -18.19
CA ARG D 399 -8.70 -4.37 -19.54
C ARG D 399 -9.92 -4.76 -20.39
N PHE D 400 -11.01 -5.15 -19.72
CA PHE D 400 -12.25 -5.53 -20.37
C PHE D 400 -13.36 -4.46 -20.40
N TRP D 401 -12.99 -3.20 -20.16
CA TRP D 401 -13.94 -2.09 -20.26
C TRP D 401 -14.57 -2.11 -21.66
N TRP D 402 -15.91 -2.02 -21.73
CA TRP D 402 -16.66 -2.12 -22.99
C TRP D 402 -16.19 -1.19 -24.12
N GLU D 403 -15.57 -0.06 -23.76
CA GLU D 403 -15.08 0.91 -24.75
C GLU D 403 -13.61 0.70 -25.15
N ASN D 404 -12.87 -0.09 -24.38
CA ASN D 404 -11.46 -0.39 -24.70
C ASN D 404 -11.38 -1.08 -26.06
N GLU D 405 -10.47 -0.62 -26.93
CA GLU D 405 -10.35 -1.20 -28.28
C GLU D 405 -10.10 -2.71 -28.25
N GLY D 406 -10.83 -3.44 -29.10
CA GLY D 406 -10.71 -4.91 -29.23
C GLY D 406 -11.60 -5.75 -28.33
N VAL D 407 -12.31 -5.12 -27.41
CA VAL D 407 -13.20 -5.85 -26.50
C VAL D 407 -14.48 -6.20 -27.26
N PHE D 408 -15.08 -5.18 -27.87
CA PHE D 408 -16.23 -5.32 -28.74
C PHE D 408 -15.82 -4.67 -30.06
N SER D 409 -16.54 -5.01 -31.14
CA SER D 409 -16.31 -4.39 -32.44
C SER D 409 -17.01 -3.01 -32.44
N MET D 410 -16.68 -2.17 -33.42
CA MET D 410 -17.26 -0.84 -33.51
C MET D 410 -18.81 -0.90 -33.62
N GLN D 411 -19.33 -1.80 -34.45
CA GLN D 411 -20.79 -1.96 -34.56
C GLN D 411 -21.43 -2.55 -33.31
N GLN D 412 -20.69 -3.34 -32.55
CA GLN D 412 -21.18 -3.88 -31.28
C GLN D 412 -21.31 -2.74 -30.24
N ARG D 413 -20.29 -1.87 -30.17
CA ARG D 413 -20.31 -0.71 -29.25
C ARG D 413 -21.48 0.23 -29.56
N GLN D 414 -21.76 0.40 -30.85
CA GLN D 414 -22.85 1.25 -31.31
C GLN D 414 -24.21 0.65 -30.90
N ALA D 415 -24.34 -0.67 -30.92
CA ALA D 415 -25.57 -1.37 -30.53
C ALA D 415 -25.79 -1.36 -29.01
N LEU D 416 -24.69 -1.51 -28.27
CA LEU D 416 -24.72 -1.48 -26.80
C LEU D 416 -25.13 -0.13 -26.23
N ALA D 417 -24.82 0.96 -26.95
CA ALA D 417 -25.12 2.33 -26.51
C ALA D 417 -26.61 2.66 -26.40
N GLN D 418 -27.45 1.78 -26.95
CA GLN D 418 -28.89 1.98 -26.93
C GLN D 418 -29.58 1.25 -25.76
N ILE D 419 -28.84 0.51 -24.94
CA ILE D 419 -29.46 -0.23 -23.83
C ILE D 419 -29.93 0.70 -22.69
N SER D 420 -30.88 0.22 -21.89
CA SER D 420 -31.41 0.95 -20.76
C SER D 420 -31.99 -0.05 -19.76
N LEU D 421 -32.04 0.31 -18.50
CA LEU D 421 -32.66 -0.56 -17.51
C LEU D 421 -34.17 -0.72 -17.78
N PRO D 422 -34.89 0.36 -18.19
CA PRO D 422 -36.30 0.17 -18.53
C PRO D 422 -36.55 -0.92 -19.58
N ARG D 423 -35.77 -0.89 -20.66
CA ARG D 423 -35.86 -1.88 -21.75
C ARG D 423 -35.63 -3.31 -21.23
N ILE D 424 -34.65 -3.48 -20.35
CA ILE D 424 -34.40 -4.78 -19.74
C ILE D 424 -35.62 -5.25 -18.92
N ILE D 425 -36.28 -4.33 -18.23
CA ILE D 425 -37.48 -4.70 -17.48
C ILE D 425 -38.58 -5.14 -18.45
N CYS D 426 -38.76 -4.40 -19.54
CA CYS D 426 -39.76 -4.73 -20.55
C CYS D 426 -39.52 -6.10 -21.17
N ASP D 427 -38.26 -6.41 -21.47
CA ASP D 427 -37.87 -7.67 -22.13
C ASP D 427 -37.94 -8.90 -21.25
N ASN D 428 -37.96 -8.72 -19.93
CA ASN D 428 -37.89 -9.86 -19.01
C ASN D 428 -38.97 -9.97 -17.93
N THR D 429 -40.05 -9.23 -18.07
CA THR D 429 -41.14 -9.26 -17.09
C THR D 429 -42.51 -9.03 -17.74
N GLY D 430 -43.58 -9.12 -16.94
CA GLY D 430 -44.94 -8.85 -17.43
C GLY D 430 -45.31 -7.36 -17.42
N ILE D 431 -44.29 -6.51 -17.22
CA ILE D 431 -44.48 -5.05 -17.16
C ILE D 431 -44.45 -4.42 -18.55
N THR D 432 -45.51 -3.69 -18.89
CA THR D 432 -45.66 -3.08 -20.22
C THR D 432 -45.52 -1.55 -20.27
N THR D 433 -45.57 -0.90 -19.10
CA THR D 433 -45.39 0.55 -18.95
C THR D 433 -44.25 0.76 -17.96
N VAL D 434 -43.21 1.48 -18.38
CA VAL D 434 -42.01 1.71 -17.57
C VAL D 434 -41.63 3.19 -17.56
N SER D 435 -40.66 3.55 -16.70
CA SER D 435 -40.25 4.96 -16.57
C SER D 435 -39.38 5.46 -17.71
N LYS D 436 -39.47 6.76 -17.98
CA LYS D 436 -38.67 7.42 -19.01
C LYS D 436 -37.25 7.52 -18.49
N ASN D 437 -36.30 7.54 -19.43
CA ASN D 437 -34.91 7.77 -19.07
C ASN D 437 -34.90 9.21 -18.58
N ASN D 438 -34.15 9.51 -17.51
CA ASN D 438 -33.31 8.57 -16.77
C ASN D 438 -34.15 7.88 -15.69
N ILE D 439 -34.11 6.54 -15.67
CA ILE D 439 -34.88 5.74 -14.71
C ILE D 439 -34.63 6.11 -13.24
N PHE D 440 -33.41 6.56 -12.95
CA PHE D 440 -33.06 6.90 -11.57
C PHE D 440 -33.64 8.24 -11.13
N MET D 441 -34.01 9.08 -12.11
CA MET D 441 -34.64 10.37 -11.83
C MET D 441 -36.18 10.28 -11.83
N SER D 442 -36.76 9.70 -12.89
CA SER D 442 -38.21 9.47 -13.02
C SER D 442 -38.72 8.68 -11.81
N ASN D 443 -39.85 9.11 -11.23
CA ASN D 443 -40.44 8.45 -10.04
C ASN D 443 -41.96 8.69 -9.86
N SER D 444 -42.58 9.38 -10.82
CA SER D 444 -44.01 9.74 -10.70
C SER D 444 -44.91 9.21 -11.84
N TYR D 445 -45.78 8.27 -11.51
CA TYR D 445 -46.73 7.71 -12.47
C TYR D 445 -48.02 8.55 -12.48
N PRO D 446 -48.56 8.88 -13.68
CA PRO D 446 -48.05 8.49 -15.01
C PRO D 446 -47.13 9.47 -15.71
N ARG D 447 -46.90 10.64 -15.12
CA ARG D 447 -46.10 11.70 -15.73
C ARG D 447 -44.79 11.22 -16.32
N ASP D 448 -44.06 10.40 -15.56
CA ASP D 448 -42.73 9.96 -15.95
C ASP D 448 -42.69 8.57 -16.62
N PHE D 449 -43.84 8.09 -17.10
CA PHE D 449 -43.89 6.74 -17.68
C PHE D 449 -44.29 6.65 -19.15
N VAL D 450 -43.68 5.70 -19.86
CA VAL D 450 -43.97 5.46 -21.27
C VAL D 450 -44.22 3.97 -21.56
N ASN D 451 -44.79 3.70 -22.73
CA ASN D 451 -45.04 2.33 -23.18
C ASN D 451 -43.77 1.65 -23.64
N CYS D 452 -43.61 0.38 -23.28
CA CYS D 452 -42.44 -0.41 -23.67
C CYS D 452 -42.21 -0.37 -25.19
N SER D 453 -43.32 -0.31 -25.95
CA SER D 453 -43.29 -0.28 -27.43
C SER D 453 -42.53 0.93 -28.04
N THR D 454 -42.28 1.96 -27.23
CA THR D 454 -41.54 3.14 -27.68
C THR D 454 -40.03 3.03 -27.47
N LEU D 455 -39.60 1.94 -26.82
CA LEU D 455 -38.18 1.73 -26.50
C LEU D 455 -37.44 0.80 -27.48
N PRO D 456 -36.37 1.31 -28.12
CA PRO D 456 -35.58 0.48 -29.04
C PRO D 456 -35.00 -0.74 -28.32
N ALA D 457 -35.18 -1.94 -28.91
CA ALA D 457 -34.65 -3.18 -28.35
C ALA D 457 -33.16 -3.29 -28.68
N LEU D 458 -32.43 -4.17 -28.00
CA LEU D 458 -31.01 -4.37 -28.30
C LEU D 458 -30.84 -5.16 -29.59
N ASN D 459 -30.15 -4.57 -30.56
CA ASN D 459 -29.88 -5.19 -31.84
C ASN D 459 -28.64 -6.10 -31.76
N LEU D 460 -28.85 -7.40 -31.77
CA LEU D 460 -27.75 -8.36 -31.70
C LEU D 460 -27.16 -8.76 -33.07
N ALA D 461 -27.61 -8.11 -34.14
CA ALA D 461 -27.14 -8.41 -35.51
C ALA D 461 -25.60 -8.44 -35.66
N SER D 462 -24.90 -7.49 -35.05
CA SER D 462 -23.43 -7.42 -35.13
C SER D 462 -22.70 -8.54 -34.36
N TRP D 463 -23.46 -9.44 -33.73
CA TRP D 463 -22.91 -10.62 -33.04
C TRP D 463 -22.96 -11.87 -33.94
N ARG D 464 -23.57 -11.75 -35.13
CA ARG D 464 -23.62 -12.88 -36.07
C ARG D 464 -22.26 -13.11 -36.71
N GLU D 465 -21.76 -14.33 -36.55
CA GLU D 465 -20.43 -14.71 -37.00
C GLU D 465 -20.32 -14.77 -38.53
N ALA D 466 -21.40 -15.18 -39.19
CA ALA D 466 -21.46 -15.24 -40.65
C ALA D 466 -20.11 -15.51 -41.33
#